data_3CIG
#
_entry.id   3CIG
#
_cell.length_a   82.681
_cell.length_b   158.017
_cell.length_c   185.278
_cell.angle_alpha   90.00
_cell.angle_beta   90.00
_cell.angle_gamma   90.00
#
_symmetry.space_group_name_H-M   'I 2 2 2'
#
loop_
_entity.id
_entity.type
_entity.pdbx_description
1 polymer 'Toll-like receptor 3'
2 branched 2-acetamido-2-deoxy-alpha-D-glucopyranose-(1-4)-2-acetamido-2-deoxy-beta-D-glucopyranose
3 branched 2-acetamido-2-deoxy-beta-D-glucopyranose-(1-4)-[beta-L-fucopyranose-(1-6)]2-acetamido-2-deoxy-beta-D-glucopyranose
4 branched 2-acetamido-2-deoxy-beta-D-glucopyranose-(1-4)-2-acetamido-2-deoxy-beta-D-glucopyranose
5 branched beta-D-mannopyranose-(1-3)-[alpha-D-mannopyranose-(1-6)]alpha-D-mannopyranose-(1-4)-2-acetamido-2-deoxy-alpha-D-glucopyranose-(1-4)-2-acetamido-2-deoxy-beta-D-glucopyranose
6 branched beta-D-mannopyranose-(1-4)-2-acetamido-2-deoxy-alpha-D-glucopyranose-(1-4)-[beta-L-fucopyranose-(1-6)]2-acetamido-2-deoxy-beta-D-glucopyranose
7 non-polymer 2-acetamido-2-deoxy-beta-D-glucopyranose
8 non-polymer alpha-L-fucopyranose
9 water water
#
_entity_poly.entity_id   1
_entity_poly.type   'polypeptide(L)'
_entity_poly.pdbx_seq_one_letter_code
;QCTVRYNVADCSHLKLTHIPDDLPSNITVLNLTHNQLRRLPPTNFTRYSQLAILDAGFNSISKLEPELCQILPLLKVLNL
QHNELSQISDQTFVFCTNLTELDLMSNSIHKIKSNPFKNQKNLIKLDLSHNGLSSTKLGTGVQLENLQELLLAKNKILAL
RSEELEFLGNSSLRKLDLSSNPLKEFSPGCFQTIGKLFALLLNNAQLNPHLTEKLCWELSNTSIQNLSLANNQLLATSES
TFSGLKWTNLTQLDLSYNNLHDVGNGSFSYLPSLRYLSLEYNNIQRLSPRSFYGLSNLRYLSLKRAFTKQSVSLASHPNI
DDFSFQWLKYLEYLNMDDNNIPSTKSNTFTGLVSLKYLSLSKTFTSLQTLTNETFVSLAHSPLLTLNLTKNHISKIANGT
FSWLGQLRILDLGLNEIEQKLSGQEWRGLRNIFEIYLSYNKYLQLSTSSFALVPSLQRLMLRRVALKNVDISPSPFRPLR
NLTILDLSNNNIANINEDLLEGLENLEILDFQHNNLARLWKRANPGGPVNFLKGLSHLHILNLESNGLDEIPVGVFKNLF
ELKSINLGLNNLNKLEPFIFDDQTSLRSLNLQKNLITSVEKDVFGPPFQNLNSLDMRFNPFDCTCESISWFVNWINQTHT
NISELSTHYLCNTPHHYYGFPLKLFDTSSCKDSAPFENLYFQGHHHHHHWSHPQFEK
;
_entity_poly.pdbx_strand_id   A
#
loop_
_chem_comp.id
_chem_comp.type
_chem_comp.name
_chem_comp.formula
BMA D-saccharide, beta linking beta-D-mannopyranose 'C6 H12 O6'
FUC L-saccharide, alpha linking alpha-L-fucopyranose 'C6 H12 O5'
FUL L-saccharide, beta linking beta-L-fucopyranose 'C6 H12 O5'
MAN D-saccharide, alpha linking alpha-D-mannopyranose 'C6 H12 O6'
NAG D-saccharide, beta linking 2-acetamido-2-deoxy-beta-D-glucopyranose 'C8 H15 N O6'
NDG D-saccharide, alpha linking 2-acetamido-2-deoxy-alpha-D-glucopyranose 'C8 H15 N O6'
#
# COMPACT_ATOMS: atom_id res chain seq x y z
N GLN A 1 31.22 -0.69 19.33
CA GLN A 1 30.77 -2.00 19.74
C GLN A 1 29.27 -2.09 19.83
N CYS A 2 28.81 -3.24 20.30
CA CYS A 2 27.39 -3.60 20.21
C CYS A 2 26.51 -2.69 21.06
N THR A 3 25.36 -2.30 20.49
CA THR A 3 24.31 -1.62 21.22
C THR A 3 23.24 -2.59 21.70
N VAL A 4 22.80 -2.41 22.96
CA VAL A 4 21.94 -3.40 23.60
C VAL A 4 20.64 -2.78 24.12
N ARG A 5 19.55 -2.89 23.37
CA ARG A 5 18.23 -2.55 23.89
C ARG A 5 17.65 -3.66 24.77
N TYR A 6 16.32 -3.68 24.91
CA TYR A 6 15.63 -4.68 25.73
C TYR A 6 16.00 -6.13 25.38
N ASN A 7 16.74 -6.80 26.26
CA ASN A 7 17.10 -8.21 26.10
C ASN A 7 17.71 -8.68 24.76
N VAL A 8 18.17 -7.71 23.96
CA VAL A 8 18.73 -7.98 22.63
C VAL A 8 20.08 -7.30 22.46
N ALA A 9 21.07 -8.04 21.93
CA ALA A 9 22.40 -7.48 21.73
C ALA A 9 22.78 -7.36 20.25
N ASP A 10 22.54 -6.18 19.69
CA ASP A 10 22.71 -5.94 18.27
C ASP A 10 24.15 -5.59 17.91
N CYS A 11 24.74 -6.40 17.03
CA CYS A 11 26.09 -6.14 16.52
C CYS A 11 26.16 -6.35 15.01
N SER A 12 25.45 -5.53 14.24
CA SER A 12 25.23 -5.79 12.82
C SER A 12 26.35 -5.52 11.81
N HIS A 13 26.53 -4.28 11.40
CA HIS A 13 27.56 -3.99 10.41
C HIS A 13 28.82 -3.40 11.04
N LEU A 14 29.49 -4.19 11.87
CA LEU A 14 30.74 -3.72 12.47
C LEU A 14 31.97 -4.33 11.83
N LYS A 15 31.81 -5.44 11.13
CA LYS A 15 32.97 -6.14 10.58
C LYS A 15 33.75 -6.87 11.67
N LEU A 16 33.02 -7.37 12.68
CA LEU A 16 33.60 -8.19 13.73
C LEU A 16 34.23 -9.47 13.21
N THR A 17 35.12 -10.05 14.00
CA THR A 17 35.74 -11.32 13.68
C THR A 17 35.75 -12.17 14.95
N HIS A 18 35.26 -11.59 16.04
CA HIS A 18 35.21 -12.30 17.30
C HIS A 18 33.83 -12.09 17.90
N ILE A 19 33.45 -12.99 18.79
CA ILE A 19 32.16 -12.89 19.45
C ILE A 19 32.32 -12.13 20.78
N PRO A 20 31.63 -10.98 20.91
CA PRO A 20 31.77 -10.05 22.03
C PRO A 20 31.21 -10.55 23.35
N ASP A 21 31.88 -10.20 24.45
CA ASP A 21 31.50 -10.67 25.79
C ASP A 21 30.96 -9.55 26.68
N ASP A 22 31.36 -8.32 26.38
CA ASP A 22 30.85 -7.17 27.12
C ASP A 22 29.36 -7.24 27.43
N LEU A 23 28.57 -7.71 26.46
CA LEU A 23 27.11 -7.72 26.58
C LEU A 23 26.63 -8.36 27.87
N PRO A 24 25.38 -8.07 28.29
CA PRO A 24 24.75 -8.68 29.45
C PRO A 24 24.82 -10.21 29.48
N SER A 25 24.37 -10.83 30.56
CA SER A 25 24.03 -12.25 30.56
C SER A 25 22.52 -12.47 30.68
N ASN A 26 21.78 -11.37 30.71
CA ASN A 26 20.32 -11.40 30.81
C ASN A 26 19.65 -11.17 29.46
N ILE A 27 20.34 -11.54 28.39
CA ILE A 27 19.79 -11.43 27.03
C ILE A 27 19.22 -12.74 26.50
N THR A 28 18.19 -12.63 25.68
CA THR A 28 17.64 -13.80 25.01
C THR A 28 17.53 -13.53 23.51
N VAL A 29 18.48 -12.77 22.98
CA VAL A 29 18.63 -12.51 21.55
C VAL A 29 20.09 -12.14 21.28
N LEU A 30 20.49 -12.04 20.02
CA LEU A 30 21.89 -11.78 19.69
C LEU A 30 22.06 -11.69 18.18
N ASN A 31 21.95 -10.48 17.65
CA ASN A 31 22.09 -10.25 16.22
C ASN A 31 23.56 -10.06 15.83
N LEU A 32 24.20 -11.12 15.34
CA LEU A 32 25.57 -11.04 14.82
C LEU A 32 25.56 -11.00 13.29
N THR A 33 24.50 -10.42 12.73
CA THR A 33 24.33 -10.28 11.30
C THR A 33 25.41 -9.50 10.55
N HIS A 34 25.78 -9.97 9.38
CA HIS A 34 26.57 -9.18 8.45
C HIS A 34 27.94 -8.85 9.01
N ASN A 35 28.61 -9.84 9.59
CA ASN A 35 29.97 -9.58 10.03
C ASN A 35 31.05 -10.36 9.28
N GLN A 36 31.99 -10.95 10.00
CA GLN A 36 33.12 -11.61 9.35
C GLN A 36 33.58 -12.89 10.06
N LEU A 37 32.74 -13.42 10.95
CA LEU A 37 33.13 -14.50 11.85
C LEU A 37 33.62 -15.73 11.09
N ARG A 38 34.75 -16.29 11.55
CA ARG A 38 35.29 -17.57 11.09
C ARG A 38 34.26 -18.68 11.32
N ARG A 39 33.94 -18.90 12.59
CA ARG A 39 32.92 -19.84 13.01
C ARG A 39 32.44 -19.40 14.38
N LEU A 40 31.62 -20.21 15.04
CA LEU A 40 31.08 -19.83 16.35
C LEU A 40 31.42 -20.86 17.41
N PRO A 41 32.64 -20.77 17.98
CA PRO A 41 33.10 -21.79 18.92
C PRO A 41 32.07 -22.05 20.01
N PRO A 42 31.74 -23.33 20.22
CA PRO A 42 30.68 -23.75 21.13
C PRO A 42 31.01 -23.42 22.58
N THR A 43 32.05 -22.62 22.79
CA THR A 43 32.52 -22.31 24.13
C THR A 43 32.32 -20.84 24.48
N ASN A 44 32.35 -19.98 23.46
CA ASN A 44 32.32 -18.53 23.68
C ASN A 44 30.89 -18.06 23.95
N PHE A 45 29.94 -18.99 24.06
CA PHE A 45 28.53 -18.62 24.22
C PHE A 45 28.03 -18.85 25.63
N THR A 46 28.94 -19.18 26.54
CA THR A 46 28.58 -19.50 27.92
C THR A 46 27.98 -18.32 28.69
N ARG A 47 28.59 -17.15 28.52
CA ARG A 47 28.18 -15.96 29.27
C ARG A 47 26.67 -15.69 29.13
N TYR A 48 26.12 -16.01 27.97
CA TYR A 48 24.71 -15.79 27.65
C TYR A 48 24.04 -17.11 27.30
N SER A 49 24.04 -18.05 28.24
CA SER A 49 23.37 -19.32 28.02
C SER A 49 21.87 -19.08 28.07
N GLN A 50 21.49 -17.80 27.92
CA GLN A 50 20.08 -17.43 27.91
C GLN A 50 19.59 -17.16 26.49
N LEU A 51 20.43 -17.47 25.51
CA LEU A 51 20.21 -17.05 24.13
C LEU A 51 18.97 -17.74 23.58
N ALA A 52 17.92 -16.96 23.34
CA ALA A 52 16.69 -17.56 22.82
C ALA A 52 16.72 -17.64 21.30
N ILE A 53 17.40 -16.68 20.66
CA ILE A 53 17.50 -16.63 19.22
C ILE A 53 18.89 -16.14 18.78
N LEU A 54 19.71 -17.04 18.23
CA LEU A 54 21.01 -16.69 17.69
C LEU A 54 20.94 -16.44 16.19
N ASP A 55 21.22 -15.20 15.79
CA ASP A 55 21.01 -14.79 14.41
C ASP A 55 22.37 -14.47 13.81
N ALA A 56 23.03 -15.46 13.20
CA ALA A 56 24.35 -15.25 12.59
C ALA A 56 24.33 -15.31 11.07
N GLY A 57 23.29 -14.75 10.46
CA GLY A 57 23.25 -14.63 9.01
C GLY A 57 24.35 -13.74 8.45
N PHE A 58 24.95 -14.16 7.34
CA PHE A 58 25.82 -13.32 6.54
C PHE A 58 27.18 -13.14 7.18
N ASN A 59 27.88 -14.25 7.38
CA ASN A 59 29.23 -14.23 7.89
C ASN A 59 30.04 -15.21 7.07
N SER A 60 31.13 -15.72 7.65
CA SER A 60 31.99 -16.60 6.88
C SER A 60 32.04 -17.99 7.50
N ILE A 61 31.17 -18.20 8.49
CA ILE A 61 31.00 -19.50 9.11
C ILE A 61 31.17 -20.70 8.17
N SER A 62 31.94 -21.69 8.60
CA SER A 62 32.24 -22.85 7.75
C SER A 62 31.65 -24.14 8.29
N LYS A 63 31.77 -24.35 9.60
CA LYS A 63 31.27 -25.55 10.25
C LYS A 63 30.47 -25.17 11.49
N LEU A 64 29.56 -26.04 11.90
CA LEU A 64 28.86 -25.87 13.16
C LEU A 64 29.19 -26.98 14.16
N GLU A 65 29.65 -26.62 15.35
CA GLU A 65 29.97 -27.64 16.33
C GLU A 65 28.73 -28.09 17.09
N PRO A 66 28.51 -29.42 17.17
CA PRO A 66 27.34 -30.03 17.77
C PRO A 66 27.09 -29.53 19.19
N GLU A 67 28.16 -29.35 19.96
CA GLU A 67 28.03 -28.95 21.35
C GLU A 67 27.32 -27.62 21.51
N LEU A 68 27.45 -26.76 20.50
CA LEU A 68 26.81 -25.45 20.52
C LEU A 68 25.37 -25.50 21.01
N CYS A 69 24.61 -26.45 20.48
CA CYS A 69 23.19 -26.59 20.80
C CYS A 69 22.98 -26.86 22.30
N GLN A 70 23.78 -27.78 22.83
CA GLN A 70 23.65 -28.19 24.21
C GLN A 70 24.21 -27.13 25.15
N ILE A 71 25.26 -26.45 24.70
CA ILE A 71 25.79 -25.33 25.47
C ILE A 71 24.76 -24.20 25.49
N LEU A 72 23.89 -24.20 24.49
CA LEU A 72 22.80 -23.23 24.41
C LEU A 72 21.44 -23.93 24.44
N PRO A 73 21.00 -24.36 25.64
CA PRO A 73 19.80 -25.19 25.76
C PRO A 73 18.47 -24.46 25.51
N LEU A 74 18.51 -23.16 25.28
CA LEU A 74 17.28 -22.43 25.00
C LEU A 74 17.26 -21.74 23.64
N LEU A 75 17.95 -22.34 22.67
CA LEU A 75 18.02 -21.83 21.31
C LEU A 75 16.75 -22.23 20.57
N LYS A 76 15.94 -21.22 20.24
CA LYS A 76 14.67 -21.48 19.57
C LYS A 76 14.73 -21.16 18.06
N VAL A 77 15.22 -19.98 17.71
CA VAL A 77 15.42 -19.61 16.31
C VAL A 77 16.90 -19.44 16.00
N LEU A 78 17.46 -20.35 15.21
CA LEU A 78 18.80 -20.16 14.68
C LEU A 78 18.76 -19.68 13.23
N ASN A 79 19.58 -18.71 12.86
CA ASN A 79 19.61 -18.22 11.49
C ASN A 79 21.03 -18.22 10.96
N LEU A 80 21.25 -18.94 9.87
CA LEU A 80 22.58 -19.01 9.29
C LEU A 80 22.49 -18.80 7.79
N GLN A 81 21.61 -17.89 7.38
CA GLN A 81 21.48 -17.59 5.95
C GLN A 81 22.80 -17.09 5.36
N HIS A 82 22.94 -17.27 4.05
CA HIS A 82 24.09 -16.76 3.30
C HIS A 82 25.42 -16.92 4.04
N ASN A 83 25.61 -18.04 4.71
CA ASN A 83 26.94 -18.37 5.25
C ASN A 83 27.75 -19.24 4.29
N GLU A 84 28.75 -19.95 4.81
CA GLU A 84 29.60 -20.76 3.94
C GLU A 84 29.61 -22.24 4.33
N LEU A 85 28.58 -22.69 5.05
CA LEU A 85 28.47 -24.09 5.44
C LEU A 85 28.58 -25.03 4.25
N SER A 86 29.40 -26.06 4.37
CA SER A 86 29.63 -26.99 3.29
C SER A 86 28.60 -28.12 3.29
N GLN A 87 28.78 -29.12 4.15
CA GLN A 87 27.88 -30.25 4.22
C GLN A 87 27.43 -30.49 5.65
N ILE A 88 26.14 -30.73 5.86
CA ILE A 88 25.60 -31.01 7.18
C ILE A 88 25.81 -32.47 7.57
N SER A 89 26.16 -32.71 8.83
CA SER A 89 26.44 -34.07 9.29
C SER A 89 25.31 -34.69 10.11
N ASP A 90 25.47 -35.97 10.39
CA ASP A 90 24.47 -36.73 11.13
C ASP A 90 24.51 -36.31 12.60
N GLN A 91 25.58 -35.64 12.99
CA GLN A 91 25.86 -35.31 14.38
C GLN A 91 25.80 -33.81 14.72
N THR A 92 25.38 -32.99 13.78
CA THR A 92 25.47 -31.53 13.92
C THR A 92 24.34 -30.94 14.74
N PHE A 93 23.12 -30.94 14.20
CA PHE A 93 21.98 -30.39 14.92
C PHE A 93 21.39 -31.39 15.91
N VAL A 94 22.23 -32.32 16.35
CA VAL A 94 21.81 -33.42 17.20
C VAL A 94 21.33 -33.02 18.59
N PHE A 95 21.70 -31.83 19.06
CA PHE A 95 21.29 -31.36 20.37
C PHE A 95 20.16 -30.31 20.41
N CYS A 96 20.14 -29.43 19.42
CA CYS A 96 19.10 -28.42 19.28
C CYS A 96 17.71 -29.04 19.20
N THR A 97 16.93 -28.91 20.27
CA THR A 97 15.61 -29.55 20.28
C THR A 97 14.50 -28.53 20.46
N ASN A 98 14.78 -27.49 21.25
CA ASN A 98 13.78 -26.46 21.50
C ASN A 98 13.67 -25.57 20.26
N LEU A 99 14.16 -26.10 19.14
CA LEU A 99 14.26 -25.33 17.89
C LEU A 99 12.91 -25.24 17.20
N THR A 100 12.54 -24.02 16.82
CA THR A 100 11.31 -23.77 16.08
C THR A 100 11.53 -23.22 14.68
N GLU A 101 12.64 -22.53 14.46
CA GLU A 101 12.98 -22.01 13.14
C GLU A 101 14.46 -22.21 12.86
N LEU A 102 14.78 -22.94 11.79
CA LEU A 102 16.15 -23.06 11.31
C LEU A 102 16.26 -22.55 9.88
N ASP A 103 17.15 -21.58 9.62
CA ASP A 103 17.34 -21.03 8.29
C ASP A 103 18.76 -21.29 7.82
N LEU A 104 18.89 -22.04 6.73
CA LEU A 104 20.18 -22.27 6.07
C LEU A 104 20.05 -21.82 4.62
N MET A 105 19.19 -20.83 4.42
CA MET A 105 19.00 -20.17 3.14
C MET A 105 20.14 -20.16 2.11
N SER A 106 21.38 -19.87 2.46
CA SER A 106 22.35 -19.78 1.37
C SER A 106 23.74 -20.27 1.67
N ASN A 107 23.89 -21.59 1.66
CA ASN A 107 25.16 -22.23 2.03
C ASN A 107 25.71 -23.21 1.02
N SER A 108 25.16 -23.20 -0.20
CA SER A 108 25.54 -24.24 -1.16
C SER A 108 25.79 -25.58 -0.48
N ILE A 109 24.71 -26.25 -0.07
CA ILE A 109 24.74 -27.60 0.47
C ILE A 109 24.12 -28.51 -0.59
N HIS A 110 24.97 -28.98 -1.51
CA HIS A 110 24.53 -29.73 -2.67
C HIS A 110 23.83 -31.05 -2.33
N LYS A 111 24.30 -31.75 -1.29
CA LYS A 111 23.80 -33.09 -1.00
C LYS A 111 23.43 -33.25 0.48
N ILE A 112 22.53 -34.19 0.76
CA ILE A 112 22.14 -34.56 2.13
C ILE A 112 22.10 -36.06 2.39
N LYS A 113 22.85 -36.54 3.38
CA LYS A 113 22.90 -37.97 3.72
C LYS A 113 22.35 -38.23 5.12
N SER A 114 21.71 -39.38 5.32
CA SER A 114 21.18 -39.78 6.62
C SER A 114 19.94 -38.98 7.00
N ASN A 115 19.83 -38.69 8.30
CA ASN A 115 18.71 -37.94 8.86
C ASN A 115 19.23 -36.83 9.77
N PRO A 116 19.66 -35.71 9.18
CA PRO A 116 20.26 -34.62 9.96
C PRO A 116 19.32 -33.89 10.91
N PHE A 117 18.02 -34.08 10.75
CA PHE A 117 16.99 -33.43 11.57
C PHE A 117 16.12 -34.39 12.37
N LYS A 118 16.68 -35.55 12.73
CA LYS A 118 15.93 -36.60 13.43
C LYS A 118 15.35 -36.09 14.75
N ASN A 119 16.07 -35.21 15.42
CA ASN A 119 15.65 -34.71 16.72
C ASN A 119 14.88 -33.40 16.75
N GLN A 120 14.71 -32.76 15.60
CA GLN A 120 14.02 -31.46 15.54
C GLN A 120 12.51 -31.65 15.61
N LYS A 121 12.07 -32.47 16.56
CA LYS A 121 10.67 -32.86 16.64
C LYS A 121 9.80 -31.63 16.91
N ASN A 122 10.45 -30.48 17.07
CA ASN A 122 9.74 -29.24 17.31
C ASN A 122 9.83 -28.17 16.22
N LEU A 123 10.73 -28.36 15.25
CA LEU A 123 10.99 -27.34 14.24
C LEU A 123 9.76 -27.01 13.41
N ILE A 124 9.34 -25.74 13.40
CA ILE A 124 8.08 -25.38 12.78
C ILE A 124 8.30 -24.86 11.37
N LYS A 125 9.48 -24.29 11.14
CA LYS A 125 9.82 -23.80 9.81
C LYS A 125 11.28 -24.05 9.50
N LEU A 126 11.52 -24.84 8.46
CA LEU A 126 12.86 -25.12 7.96
C LEU A 126 13.08 -24.41 6.61
N ASP A 127 14.22 -23.76 6.43
CA ASP A 127 14.50 -23.09 5.17
C ASP A 127 15.81 -23.64 4.61
N LEU A 128 15.74 -24.21 3.41
CA LEU A 128 16.93 -24.67 2.68
C LEU A 128 16.89 -24.25 1.21
N SER A 129 16.48 -23.01 0.97
CA SER A 129 16.50 -22.49 -0.37
C SER A 129 17.91 -22.25 -0.89
N HIS A 130 17.97 -21.78 -2.13
CA HIS A 130 19.22 -21.38 -2.75
C HIS A 130 20.43 -22.18 -2.27
N ASN A 131 20.34 -23.50 -2.33
CA ASN A 131 21.56 -24.30 -2.30
C ASN A 131 21.74 -25.09 -3.58
N GLY A 132 22.50 -26.18 -3.50
CA GLY A 132 22.61 -27.05 -4.68
C GLY A 132 21.81 -28.33 -4.62
N LEU A 133 20.73 -28.32 -3.85
CA LEU A 133 19.91 -29.51 -3.69
C LEU A 133 19.38 -29.99 -5.04
N SER A 134 19.35 -31.30 -5.21
CA SER A 134 18.77 -31.96 -6.39
C SER A 134 17.70 -32.96 -6.01
N SER A 135 17.46 -33.10 -4.70
CA SER A 135 16.43 -33.96 -4.14
C SER A 135 15.72 -33.25 -3.00
N THR A 136 14.44 -33.53 -2.79
CA THR A 136 13.69 -33.03 -1.65
C THR A 136 13.90 -33.87 -0.41
N LYS A 137 14.55 -35.03 -0.57
CA LYS A 137 14.72 -35.99 0.52
C LYS A 137 15.61 -35.39 1.60
N LEU A 138 15.15 -35.46 2.85
CA LEU A 138 15.89 -34.89 3.98
C LEU A 138 16.02 -35.93 5.08
N GLY A 139 15.56 -37.14 4.81
CA GLY A 139 15.57 -38.19 5.81
C GLY A 139 15.15 -39.50 5.21
N THR A 140 15.03 -40.51 6.06
CA THR A 140 14.73 -41.88 5.64
C THR A 140 13.41 -42.33 6.25
N GLY A 141 13.11 -41.81 7.45
CA GLY A 141 11.90 -42.19 8.18
C GLY A 141 10.91 -41.05 8.32
N VAL A 142 9.70 -41.35 8.75
CA VAL A 142 8.71 -40.31 8.99
C VAL A 142 9.15 -39.45 10.16
N GLN A 143 9.72 -38.28 9.86
CA GLN A 143 10.25 -37.38 10.89
C GLN A 143 9.65 -35.97 10.79
N LEU A 144 10.34 -34.97 11.33
CA LEU A 144 9.82 -33.61 11.38
C LEU A 144 8.30 -33.59 11.58
N GLU A 145 7.83 -34.50 12.43
CA GLU A 145 6.43 -34.55 12.83
C GLU A 145 5.73 -33.19 12.79
N ASN A 146 6.38 -32.15 13.30
CA ASN A 146 5.71 -30.89 13.62
C ASN A 146 5.99 -29.80 12.59
N LEU A 147 6.71 -30.16 11.54
CA LEU A 147 7.08 -29.19 10.51
C LEU A 147 5.86 -28.63 9.79
N GLN A 148 5.92 -27.36 9.42
CA GLN A 148 4.73 -26.67 8.98
C GLN A 148 4.99 -25.82 7.74
N GLU A 149 6.25 -25.43 7.55
CA GLU A 149 6.63 -24.61 6.41
C GLU A 149 7.99 -25.06 5.87
N LEU A 150 8.01 -25.92 4.86
CA LEU A 150 9.24 -26.29 4.13
C LEU A 150 9.60 -25.48 2.89
N LEU A 151 10.69 -24.72 3.00
CA LEU A 151 11.16 -23.81 1.97
C LEU A 151 12.43 -24.36 1.31
N LEU A 152 12.30 -24.71 0.04
CA LEU A 152 13.35 -25.30 -0.78
C LEU A 152 13.36 -24.67 -2.17
N ALA A 153 13.00 -23.39 -2.29
CA ALA A 153 13.06 -22.71 -3.57
C ALA A 153 14.49 -22.56 -4.11
N LYS A 154 14.60 -22.16 -5.38
CA LYS A 154 15.90 -21.89 -5.98
C LYS A 154 16.91 -23.00 -5.73
N ASN A 155 16.54 -24.22 -6.09
CA ASN A 155 17.49 -25.33 -6.22
C ASN A 155 17.63 -25.88 -7.65
N LYS A 156 18.14 -27.11 -7.75
CA LYS A 156 18.34 -27.79 -9.03
C LYS A 156 17.62 -29.13 -9.08
N ILE A 157 16.38 -29.14 -8.58
CA ILE A 157 15.59 -30.36 -8.52
C ILE A 157 14.78 -30.56 -9.80
N LEU A 158 14.95 -31.70 -10.46
CA LEU A 158 14.29 -31.96 -11.75
C LEU A 158 13.13 -32.97 -11.69
N ALA A 159 12.94 -33.56 -10.52
CA ALA A 159 11.86 -34.55 -10.39
C ALA A 159 11.30 -34.65 -8.97
N LEU A 160 9.99 -34.90 -8.87
CA LEU A 160 9.36 -35.21 -7.58
C LEU A 160 8.99 -36.68 -7.45
N ARG A 161 9.91 -37.48 -6.89
CA ARG A 161 9.65 -38.88 -6.61
C ARG A 161 8.63 -39.04 -5.47
N SER A 162 7.93 -40.16 -5.41
CA SER A 162 7.05 -40.43 -4.28
C SER A 162 7.90 -40.84 -3.09
N GLU A 163 9.05 -41.42 -3.41
CA GLU A 163 10.02 -41.86 -2.43
C GLU A 163 10.58 -40.68 -1.63
N GLU A 164 10.85 -39.55 -2.28
CA GLU A 164 11.68 -38.51 -1.66
C GLU A 164 10.87 -37.46 -0.91
N LEU A 165 9.70 -37.86 -0.41
CA LEU A 165 8.79 -36.97 0.29
C LEU A 165 8.05 -37.76 1.36
N GLU A 166 8.32 -39.05 1.47
CA GLU A 166 7.59 -39.87 2.43
C GLU A 166 7.99 -39.57 3.87
N PHE A 167 9.13 -38.90 4.05
CA PHE A 167 9.55 -38.51 5.39
C PHE A 167 8.58 -37.49 6.00
N LEU A 168 7.68 -36.97 5.17
CA LEU A 168 6.60 -36.11 5.64
C LEU A 168 5.31 -36.89 5.76
N GLY A 169 5.44 -38.19 6.03
CA GLY A 169 4.31 -39.11 6.11
C GLY A 169 3.15 -38.56 6.91
N ASN A 170 3.44 -37.96 8.06
CA ASN A 170 2.40 -37.27 8.82
C ASN A 170 2.83 -35.90 9.32
N SER A 171 3.05 -34.98 8.38
CA SER A 171 3.41 -33.61 8.68
C SER A 171 2.39 -32.73 7.98
N SER A 172 1.54 -32.04 8.74
CA SER A 172 0.60 -31.09 8.15
C SER A 172 1.29 -29.85 7.60
N LEU A 173 1.71 -29.91 6.33
CA LEU A 173 2.45 -28.78 5.74
C LEU A 173 1.48 -27.68 5.36
N ARG A 174 1.77 -26.46 5.81
CA ARG A 174 0.97 -25.32 5.41
C ARG A 174 1.54 -24.63 4.16
N LYS A 175 2.85 -24.79 3.96
CA LYS A 175 3.49 -24.16 2.82
C LYS A 175 4.76 -24.92 2.44
N LEU A 176 4.73 -25.44 1.22
CA LEU A 176 5.86 -26.04 0.53
C LEU A 176 6.26 -25.19 -0.66
N ASP A 177 7.48 -24.65 -0.62
CA ASP A 177 7.90 -23.76 -1.69
C ASP A 177 8.94 -24.45 -2.53
N LEU A 178 8.64 -24.58 -3.83
CA LEU A 178 9.56 -25.18 -4.76
C LEU A 178 9.79 -24.25 -5.95
N SER A 179 9.38 -22.99 -5.81
CA SER A 179 9.64 -22.01 -6.85
C SER A 179 11.08 -22.00 -7.34
N SER A 180 11.28 -21.60 -8.60
CA SER A 180 12.61 -21.63 -9.20
C SER A 180 13.38 -22.94 -9.14
N ASN A 181 12.71 -24.04 -9.48
CA ASN A 181 13.40 -25.30 -9.76
C ASN A 181 13.04 -25.77 -11.17
N PRO A 182 14.00 -26.38 -11.88
CA PRO A 182 13.71 -26.76 -13.25
C PRO A 182 13.00 -28.10 -13.26
N LEU A 183 11.73 -28.11 -12.88
CA LEU A 183 10.97 -29.35 -12.86
C LEU A 183 10.62 -29.93 -14.23
N LYS A 184 11.12 -31.15 -14.47
CA LYS A 184 10.93 -31.79 -15.77
C LYS A 184 9.87 -32.86 -15.67
N GLU A 185 9.62 -33.36 -14.46
CA GLU A 185 8.57 -34.35 -14.23
C GLU A 185 8.07 -34.52 -12.80
N PHE A 186 6.80 -34.90 -12.68
CA PHE A 186 6.19 -35.22 -11.40
C PHE A 186 5.74 -36.68 -11.33
N SER A 187 6.56 -37.52 -10.72
CA SER A 187 6.30 -38.96 -10.67
C SER A 187 4.96 -39.22 -10.01
N PRO A 188 4.42 -40.43 -10.19
CA PRO A 188 3.08 -40.66 -9.65
C PRO A 188 3.09 -40.87 -8.13
N GLY A 189 2.18 -40.18 -7.45
CA GLY A 189 2.01 -40.26 -6.00
C GLY A 189 2.90 -39.31 -5.23
N CYS A 190 3.71 -38.55 -5.97
CA CYS A 190 4.73 -37.71 -5.34
C CYS A 190 4.16 -36.79 -4.27
N PHE A 191 3.02 -36.16 -4.57
CA PHE A 191 2.39 -35.21 -3.66
C PHE A 191 1.44 -35.92 -2.69
N GLN A 192 0.95 -37.10 -3.05
CA GLN A 192 0.22 -37.90 -2.09
C GLN A 192 1.04 -38.30 -0.86
N THR A 193 2.34 -38.51 -0.98
CA THR A 193 3.10 -39.09 0.14
C THR A 193 3.10 -38.23 1.39
N ILE A 194 2.61 -36.99 1.26
CA ILE A 194 2.58 -36.04 2.36
C ILE A 194 1.33 -36.23 3.21
N GLY A 195 1.49 -36.05 4.52
CA GLY A 195 0.36 -36.12 5.45
C GLY A 195 -0.76 -35.21 4.99
N LYS A 196 -0.51 -33.91 4.98
CA LYS A 196 -1.44 -32.98 4.36
C LYS A 196 -0.66 -31.88 3.69
N LEU A 197 -1.16 -31.46 2.53
CA LEU A 197 -0.56 -30.35 1.80
C LEU A 197 -1.59 -29.24 1.68
N PHE A 198 -1.26 -28.03 2.09
CA PHE A 198 -2.23 -26.94 1.98
C PHE A 198 -1.93 -25.92 0.89
N ALA A 199 -0.65 -25.57 0.78
CA ALA A 199 -0.27 -24.48 -0.10
C ALA A 199 1.05 -24.83 -0.76
N LEU A 200 1.08 -24.64 -2.09
CA LEU A 200 2.22 -25.04 -2.92
C LEU A 200 2.63 -23.87 -3.79
N LEU A 201 3.93 -23.59 -3.82
CA LEU A 201 4.44 -22.50 -4.63
C LEU A 201 5.40 -23.02 -5.68
N LEU A 202 4.91 -22.98 -6.91
CA LEU A 202 5.70 -23.44 -8.02
C LEU A 202 5.91 -22.28 -8.95
N ASN A 203 6.41 -21.17 -8.44
CA ASN A 203 6.64 -20.06 -9.33
C ASN A 203 7.95 -20.27 -10.03
N ASN A 204 7.97 -19.75 -11.26
CA ASN A 204 9.19 -19.68 -12.03
C ASN A 204 9.92 -21.01 -12.09
N ALA A 205 9.20 -22.08 -12.41
CA ALA A 205 9.78 -23.42 -12.52
C ALA A 205 9.76 -23.94 -13.96
N GLN A 206 9.47 -23.05 -14.90
CA GLN A 206 9.48 -23.42 -16.31
C GLN A 206 8.33 -24.33 -16.73
N LEU A 207 7.23 -24.35 -15.99
CA LEU A 207 6.04 -25.15 -16.35
C LEU A 207 5.34 -24.68 -17.62
N ASN A 208 4.87 -25.64 -18.40
CA ASN A 208 4.08 -25.40 -19.62
C ASN A 208 2.72 -26.07 -19.47
N PRO A 209 1.82 -25.96 -20.47
CA PRO A 209 0.47 -26.48 -20.22
C PRO A 209 0.43 -27.98 -19.87
N HIS A 210 1.16 -28.79 -20.62
CA HIS A 210 1.16 -30.21 -20.39
C HIS A 210 1.66 -30.59 -19.00
N LEU A 211 2.84 -30.11 -18.62
CA LEU A 211 3.39 -30.44 -17.30
C LEU A 211 2.43 -29.95 -16.22
N THR A 212 1.80 -28.81 -16.42
CA THR A 212 0.79 -28.33 -15.46
C THR A 212 -0.41 -29.28 -15.34
N GLU A 213 -0.78 -29.88 -16.47
CA GLU A 213 -1.84 -30.88 -16.51
C GLU A 213 -1.43 -32.11 -15.68
N LYS A 214 -0.20 -32.59 -15.85
CA LYS A 214 0.26 -33.75 -15.08
C LYS A 214 0.45 -33.35 -13.62
N LEU A 215 0.77 -32.10 -13.40
CA LEU A 215 0.88 -31.57 -12.05
C LEU A 215 -0.45 -31.61 -11.30
N CYS A 216 -1.53 -31.18 -11.94
CA CYS A 216 -2.85 -31.23 -11.31
C CYS A 216 -3.41 -32.64 -11.09
N TRP A 217 -3.08 -33.58 -11.97
CA TRP A 217 -3.41 -34.96 -11.66
C TRP A 217 -2.75 -35.38 -10.35
N GLU A 218 -1.44 -35.22 -10.22
CA GLU A 218 -0.77 -35.63 -9.00
C GLU A 218 -1.34 -34.89 -7.78
N LEU A 219 -2.08 -33.82 -8.01
CA LEU A 219 -2.66 -33.07 -6.90
C LEU A 219 -4.10 -33.50 -6.54
N SER A 220 -4.77 -34.18 -7.46
CA SER A 220 -6.07 -34.76 -7.15
C SER A 220 -5.99 -35.43 -5.79
N ASN A 221 -7.06 -35.32 -5.02
CA ASN A 221 -7.21 -36.06 -3.77
C ASN A 221 -6.16 -35.75 -2.70
N THR A 222 -5.95 -34.46 -2.46
CA THR A 222 -5.08 -33.96 -1.40
C THR A 222 -5.72 -32.65 -0.96
N SER A 223 -5.32 -32.16 0.21
CA SER A 223 -6.11 -31.11 0.87
C SER A 223 -5.63 -29.73 0.45
N ILE A 224 -5.06 -29.63 -0.74
CA ILE A 224 -4.42 -28.37 -1.18
C ILE A 224 -5.43 -27.27 -1.47
N GLN A 225 -5.04 -26.02 -1.20
CA GLN A 225 -5.96 -24.90 -1.32
C GLN A 225 -5.43 -23.67 -2.02
N ASN A 226 -4.20 -23.28 -1.69
CA ASN A 226 -3.44 -22.24 -2.40
C ASN A 226 -2.41 -22.87 -3.37
N LEU A 227 -2.61 -22.64 -4.67
CA LEU A 227 -1.67 -23.11 -5.67
C LEU A 227 -1.25 -21.89 -6.48
N SER A 228 0.05 -21.65 -6.51
CA SER A 228 0.61 -20.50 -7.20
C SER A 228 1.54 -21.02 -8.28
N LEU A 229 1.22 -20.55 -9.49
CA LEU A 229 1.95 -20.92 -10.70
C LEU A 229 2.39 -19.70 -11.52
N ALA A 230 2.72 -18.64 -10.83
CA ALA A 230 3.05 -17.40 -11.50
C ALA A 230 4.40 -17.54 -12.21
N ASN A 231 4.59 -16.76 -13.27
CA ASN A 231 5.83 -16.71 -14.02
C ASN A 231 6.31 -18.03 -14.62
N ASN A 232 5.43 -18.68 -15.39
CA ASN A 232 5.86 -19.87 -16.10
C ASN A 232 5.47 -19.67 -17.54
N GLN A 233 5.49 -20.74 -18.34
CA GLN A 233 5.20 -20.70 -19.77
C GLN A 233 3.85 -21.31 -20.09
N LEU A 234 2.82 -20.85 -19.41
CA LEU A 234 1.54 -21.46 -19.65
C LEU A 234 0.78 -20.61 -20.68
N LEU A 235 1.09 -20.80 -21.95
CA LEU A 235 0.60 -19.91 -23.00
C LEU A 235 -0.88 -20.05 -23.34
N ALA A 236 -1.45 -21.20 -23.00
CA ALA A 236 -2.88 -21.37 -23.25
C ALA A 236 -3.49 -22.47 -22.36
N THR A 237 -4.81 -22.45 -22.16
CA THR A 237 -5.43 -23.42 -21.24
C THR A 237 -6.61 -24.14 -21.86
N SER A 238 -6.80 -25.42 -21.54
CA SER A 238 -7.92 -26.21 -22.06
C SER A 238 -8.76 -26.58 -20.86
N GLU A 239 -9.83 -27.30 -21.12
CA GLU A 239 -10.66 -27.80 -20.03
C GLU A 239 -9.99 -28.97 -19.33
N SER A 240 -9.12 -29.64 -20.08
CA SER A 240 -8.32 -30.72 -19.53
C SER A 240 -7.14 -30.25 -18.64
N THR A 241 -6.67 -29.03 -18.87
CA THR A 241 -5.58 -28.45 -18.10
C THR A 241 -5.73 -28.57 -16.58
N PHE A 242 -6.86 -28.12 -16.05
CA PHE A 242 -7.08 -28.12 -14.60
C PHE A 242 -8.09 -29.19 -14.18
N SER A 243 -8.18 -30.27 -14.95
CA SER A 243 -9.25 -31.19 -14.63
C SER A 243 -8.89 -31.97 -13.36
N GLY A 244 -7.62 -32.29 -13.20
CA GLY A 244 -7.17 -33.07 -12.06
C GLY A 244 -7.46 -32.39 -10.74
N LEU A 245 -7.93 -31.15 -10.77
CA LEU A 245 -8.25 -30.41 -9.54
C LEU A 245 -9.69 -30.53 -9.07
N LYS A 246 -10.53 -31.14 -9.90
CA LYS A 246 -11.92 -31.40 -9.57
C LYS A 246 -11.97 -32.36 -8.37
N TRP A 247 -10.86 -33.02 -8.11
CA TRP A 247 -10.77 -33.89 -6.95
C TRP A 247 -10.02 -33.22 -5.79
N THR A 248 -10.24 -31.92 -5.62
CA THR A 248 -9.61 -31.11 -4.57
C THR A 248 -10.54 -29.95 -4.19
N ASN A 249 -10.33 -29.33 -3.05
CA ASN A 249 -11.12 -28.16 -2.71
C ASN A 249 -10.35 -26.85 -2.91
N LEU A 250 -9.76 -26.66 -4.09
CA LEU A 250 -8.82 -25.56 -4.31
C LEU A 250 -9.54 -24.23 -4.16
N THR A 251 -8.82 -23.29 -3.57
CA THR A 251 -9.36 -22.00 -3.19
C THR A 251 -8.71 -20.79 -3.85
N GLN A 252 -7.39 -20.82 -3.99
CA GLN A 252 -6.64 -19.66 -4.48
C GLN A 252 -5.75 -20.17 -5.60
N LEU A 253 -5.70 -19.43 -6.72
CA LEU A 253 -4.90 -19.82 -7.86
C LEU A 253 -4.23 -18.58 -8.46
N ASP A 254 -2.89 -18.63 -8.60
CA ASP A 254 -2.12 -17.57 -9.23
C ASP A 254 -1.65 -18.02 -10.60
N LEU A 255 -1.99 -17.24 -11.63
CA LEU A 255 -1.60 -17.57 -13.01
C LEU A 255 -1.00 -16.36 -13.71
N SER A 256 -0.58 -15.38 -12.94
CA SER A 256 0.05 -14.21 -13.52
C SER A 256 1.41 -14.48 -14.16
N TYR A 257 1.88 -13.49 -14.90
CA TYR A 257 3.17 -13.55 -15.60
C TYR A 257 3.45 -14.85 -16.37
N ASN A 258 2.48 -15.29 -17.16
CA ASN A 258 2.62 -16.57 -17.85
C ASN A 258 2.52 -16.37 -19.34
N ASN A 259 2.28 -15.14 -19.76
CA ASN A 259 2.15 -14.91 -21.19
C ASN A 259 0.89 -15.58 -21.70
N LEU A 260 -0.09 -15.73 -20.83
CA LEU A 260 -1.33 -16.38 -21.23
C LEU A 260 -2.04 -15.64 -22.38
N HIS A 261 -2.16 -16.29 -23.55
CA HIS A 261 -2.81 -15.68 -24.69
C HIS A 261 -4.28 -16.03 -24.87
N ASP A 262 -4.62 -17.30 -24.66
CA ASP A 262 -5.99 -17.73 -24.89
C ASP A 262 -6.52 -18.66 -23.80
N VAL A 263 -7.54 -18.17 -23.11
CA VAL A 263 -8.23 -18.97 -22.12
C VAL A 263 -9.20 -19.86 -22.87
N GLY A 264 -9.02 -21.17 -22.79
CA GLY A 264 -9.93 -22.02 -23.55
C GLY A 264 -11.33 -21.93 -22.99
N ASN A 265 -12.30 -22.47 -23.71
CA ASN A 265 -13.62 -22.59 -23.09
C ASN A 265 -13.75 -23.64 -22.00
N GLY A 266 -14.10 -23.17 -20.81
CA GLY A 266 -14.27 -24.05 -19.67
C GLY A 266 -12.95 -24.47 -19.07
N SER A 267 -11.92 -23.65 -19.21
CA SER A 267 -10.63 -24.05 -18.65
C SER A 267 -10.76 -24.15 -17.13
N PHE A 268 -11.86 -23.63 -16.57
CA PHE A 268 -12.03 -23.58 -15.13
C PHE A 268 -13.31 -24.32 -14.65
N SER A 269 -13.84 -25.24 -15.44
CA SER A 269 -15.11 -25.81 -15.03
C SER A 269 -15.03 -26.75 -13.83
N TYR A 270 -13.83 -27.09 -13.38
CA TYR A 270 -13.68 -27.95 -12.22
C TYR A 270 -13.19 -27.26 -10.94
N LEU A 271 -13.29 -25.93 -10.92
CA LEU A 271 -13.00 -25.09 -9.76
C LEU A 271 -14.21 -24.38 -9.10
N PRO A 272 -15.22 -25.14 -8.68
CA PRO A 272 -16.39 -24.54 -8.04
C PRO A 272 -16.15 -24.14 -6.59
N SER A 273 -14.93 -24.32 -6.10
CA SER A 273 -14.54 -23.91 -4.75
C SER A 273 -13.61 -22.72 -4.72
N LEU A 274 -13.15 -22.28 -5.89
CA LEU A 274 -12.22 -21.16 -6.02
C LEU A 274 -12.86 -19.85 -5.61
N ARG A 275 -12.08 -19.08 -4.84
CA ARG A 275 -12.49 -17.76 -4.40
C ARG A 275 -11.60 -16.66 -4.98
N TYR A 276 -10.28 -16.90 -5.03
CA TYR A 276 -9.32 -15.91 -5.52
C TYR A 276 -8.67 -16.47 -6.77
N LEU A 277 -8.70 -15.65 -7.82
CA LEU A 277 -8.06 -15.91 -9.13
C LEU A 277 -7.31 -14.66 -9.61
N SER A 278 -6.04 -14.85 -9.95
CA SER A 278 -5.20 -13.78 -10.52
C SER A 278 -4.75 -14.08 -11.95
N LEU A 279 -5.10 -13.19 -12.85
CA LEU A 279 -4.69 -13.34 -14.23
C LEU A 279 -3.76 -12.20 -14.67
N GLU A 280 -3.12 -11.53 -13.71
CA GLU A 280 -2.43 -10.28 -13.96
C GLU A 280 -1.25 -10.55 -14.85
N TYR A 281 -0.83 -9.56 -15.65
CA TYR A 281 0.33 -9.67 -16.56
C TYR A 281 0.33 -10.79 -17.60
N ASN A 282 -0.59 -10.72 -18.56
CA ASN A 282 -0.70 -11.78 -19.54
C ASN A 282 -1.13 -11.14 -20.85
N ASN A 283 -1.57 -11.95 -21.81
CA ASN A 283 -1.86 -11.44 -23.15
C ASN A 283 -3.22 -11.92 -23.67
N ILE A 284 -4.23 -11.94 -22.80
CA ILE A 284 -5.50 -12.48 -23.23
C ILE A 284 -6.05 -11.75 -24.46
N GLN A 285 -6.36 -12.52 -25.50
CA GLN A 285 -6.84 -11.98 -26.74
C GLN A 285 -8.33 -11.76 -26.66
N ARG A 286 -9.05 -12.80 -26.24
CA ARG A 286 -10.50 -12.79 -26.21
C ARG A 286 -11.02 -13.34 -24.88
N LEU A 287 -12.18 -12.83 -24.48
CA LEU A 287 -12.96 -13.42 -23.40
C LEU A 287 -14.32 -13.62 -24.05
N SER A 288 -14.75 -14.88 -24.05
CA SER A 288 -16.08 -15.23 -24.47
C SER A 288 -17.02 -15.63 -23.33
N PRO A 289 -18.31 -15.72 -23.64
CA PRO A 289 -19.28 -16.04 -22.61
C PRO A 289 -19.00 -17.40 -21.94
N ARG A 290 -17.99 -18.11 -22.42
CA ARG A 290 -17.76 -19.45 -21.90
C ARG A 290 -16.45 -19.52 -21.11
N SER A 291 -15.74 -18.40 -21.05
CA SER A 291 -14.38 -18.33 -20.52
C SER A 291 -14.31 -18.74 -19.04
N PHE A 292 -15.28 -18.30 -18.25
CA PHE A 292 -15.24 -18.46 -16.78
C PHE A 292 -16.34 -19.42 -16.34
N TYR A 293 -16.79 -20.32 -17.21
CA TYR A 293 -17.73 -21.35 -16.82
C TYR A 293 -17.13 -22.17 -15.67
N GLY A 294 -17.85 -22.24 -14.56
CA GLY A 294 -17.51 -23.17 -13.47
C GLY A 294 -17.13 -22.47 -12.17
N LEU A 295 -16.72 -21.21 -12.31
CA LEU A 295 -16.24 -20.41 -11.18
C LEU A 295 -17.43 -19.77 -10.50
N SER A 296 -18.27 -20.64 -9.94
CA SER A 296 -19.56 -20.24 -9.38
C SER A 296 -19.39 -19.79 -7.95
N ASN A 297 -18.17 -19.89 -7.41
CA ASN A 297 -17.91 -19.49 -6.03
C ASN A 297 -16.88 -18.35 -5.92
N LEU A 298 -16.47 -17.81 -7.06
CA LEU A 298 -15.37 -16.85 -7.09
C LEU A 298 -15.77 -15.54 -6.43
N ARG A 299 -14.78 -14.89 -5.79
CA ARG A 299 -14.97 -13.63 -5.07
C ARG A 299 -14.07 -12.48 -5.52
N TYR A 300 -12.81 -12.78 -5.82
CA TYR A 300 -11.82 -11.77 -6.19
C TYR A 300 -11.21 -12.19 -7.52
N LEU A 301 -11.24 -11.30 -8.51
CA LEU A 301 -10.70 -11.56 -9.85
C LEU A 301 -9.89 -10.35 -10.31
N SER A 302 -8.61 -10.53 -10.58
CA SER A 302 -7.79 -9.43 -11.05
C SER A 302 -7.34 -9.70 -12.49
N LEU A 303 -7.71 -8.75 -13.35
CA LEU A 303 -7.38 -8.81 -14.77
C LEU A 303 -6.53 -7.60 -15.13
N LYS A 304 -5.84 -7.06 -14.11
CA LYS A 304 -4.94 -5.94 -14.31
C LYS A 304 -3.82 -6.29 -15.29
N ARG A 305 -3.72 -5.56 -16.39
CA ARG A 305 -2.65 -5.77 -17.34
C ARG A 305 -2.74 -7.19 -17.89
N ALA A 306 -3.91 -7.82 -17.79
CA ALA A 306 -4.05 -9.19 -18.27
C ALA A 306 -4.36 -9.27 -19.77
N PHE A 307 -4.53 -8.15 -20.46
CA PHE A 307 -4.87 -8.26 -21.88
C PHE A 307 -3.76 -7.99 -22.89
N THR A 308 -4.13 -8.15 -24.15
CA THR A 308 -3.21 -7.85 -25.24
C THR A 308 -2.81 -6.40 -25.12
N LYS A 309 -1.50 -6.16 -25.14
CA LYS A 309 -0.93 -4.83 -25.03
C LYS A 309 -1.07 -3.97 -26.30
N GLN A 310 -0.34 -2.86 -26.32
CA GLN A 310 -0.34 -1.91 -27.44
C GLN A 310 0.48 -2.46 -28.59
N SER A 311 1.69 -2.92 -28.29
CA SER A 311 2.63 -3.37 -29.31
C SER A 311 3.17 -2.22 -30.18
N VAL A 312 4.38 -2.41 -30.69
CA VAL A 312 5.09 -1.42 -31.49
C VAL A 312 4.44 -1.03 -32.82
N SER A 313 3.94 -2.00 -33.58
CA SER A 313 3.36 -1.70 -34.89
C SER A 313 1.82 -1.67 -34.92
N LEU A 314 1.21 -2.84 -35.01
CA LEU A 314 -0.24 -2.97 -35.13
C LEU A 314 -1.05 -2.47 -33.94
N ALA A 315 -2.24 -1.94 -34.23
CA ALA A 315 -3.11 -1.35 -33.23
C ALA A 315 -4.00 -2.45 -32.64
N SER A 316 -3.39 -3.28 -31.79
CA SER A 316 -4.05 -4.49 -31.30
C SER A 316 -4.76 -4.26 -29.98
N HIS A 317 -6.01 -4.74 -29.89
CA HIS A 317 -6.81 -4.57 -28.68
C HIS A 317 -7.61 -5.83 -28.38
N PRO A 318 -7.67 -6.24 -27.09
CA PRO A 318 -8.34 -7.47 -26.71
C PRO A 318 -9.80 -7.33 -27.06
N ASN A 319 -10.53 -8.44 -27.03
CA ASN A 319 -11.93 -8.37 -27.33
C ASN A 319 -12.68 -9.17 -26.28
N ILE A 320 -13.16 -8.49 -25.24
CA ILE A 320 -14.07 -9.16 -24.31
C ILE A 320 -15.51 -8.98 -24.80
N ASP A 321 -16.28 -10.07 -24.86
CA ASP A 321 -17.64 -9.92 -25.35
C ASP A 321 -18.74 -9.98 -24.31
N ASP A 322 -19.92 -9.50 -24.66
CA ASP A 322 -21.03 -9.57 -23.73
C ASP A 322 -21.16 -10.87 -22.96
N PHE A 323 -21.45 -10.77 -21.67
CA PHE A 323 -21.72 -11.96 -20.89
C PHE A 323 -20.50 -12.74 -20.37
N SER A 324 -19.29 -12.42 -20.82
CA SER A 324 -18.12 -13.09 -20.25
C SER A 324 -18.06 -13.38 -18.74
N PHE A 325 -18.73 -12.57 -17.92
CA PHE A 325 -18.70 -12.73 -16.47
C PHE A 325 -20.02 -13.26 -15.95
N GLN A 326 -20.88 -13.78 -16.82
CA GLN A 326 -22.25 -14.11 -16.40
C GLN A 326 -22.26 -15.17 -15.30
N TRP A 327 -21.18 -15.94 -15.20
CA TRP A 327 -21.10 -17.00 -14.20
C TRP A 327 -20.56 -16.55 -12.86
N LEU A 328 -19.80 -15.45 -12.83
CA LEU A 328 -19.26 -14.94 -11.60
C LEU A 328 -20.31 -14.22 -10.75
N LYS A 329 -21.22 -14.99 -10.16
CA LYS A 329 -22.34 -14.39 -9.44
C LYS A 329 -22.12 -14.22 -7.94
N TYR A 330 -20.90 -14.46 -7.50
CA TYR A 330 -20.58 -14.28 -6.09
C TYR A 330 -19.40 -13.32 -5.99
N LEU A 331 -18.86 -12.93 -7.14
CA LEU A 331 -17.75 -12.01 -7.23
C LEU A 331 -18.14 -10.71 -6.57
N GLU A 332 -17.22 -10.14 -5.80
CA GLU A 332 -17.44 -8.81 -5.25
C GLU A 332 -16.33 -7.81 -5.61
N TYR A 333 -15.19 -8.31 -6.09
CA TYR A 333 -14.11 -7.46 -6.50
C TYR A 333 -13.59 -7.78 -7.93
N LEU A 334 -13.43 -6.76 -8.77
CA LEU A 334 -12.98 -6.97 -10.14
C LEU A 334 -12.04 -5.83 -10.57
N ASN A 335 -10.74 -6.12 -10.62
CA ASN A 335 -9.74 -5.14 -11.06
C ASN A 335 -9.44 -5.29 -12.54
N MET A 336 -9.66 -4.25 -13.33
CA MET A 336 -9.39 -4.32 -14.76
C MET A 336 -8.49 -3.17 -15.20
N ASP A 337 -7.57 -2.80 -14.34
CA ASP A 337 -6.61 -1.75 -14.64
C ASP A 337 -5.61 -2.07 -15.74
N ASP A 338 -5.10 -1.02 -16.39
CA ASP A 338 -3.96 -1.11 -17.31
C ASP A 338 -4.16 -2.02 -18.53
N ASN A 339 -5.12 -1.70 -19.39
CA ASN A 339 -5.49 -2.64 -20.45
C ASN A 339 -5.94 -1.73 -21.56
N ASN A 340 -6.11 -2.25 -22.76
CA ASN A 340 -6.42 -1.38 -23.89
C ASN A 340 -7.81 -1.65 -24.45
N ILE A 341 -8.78 -2.00 -23.61
CA ILE A 341 -10.15 -2.25 -24.06
C ILE A 341 -10.73 -0.97 -24.64
N PRO A 342 -11.46 -1.08 -25.75
CA PRO A 342 -12.04 0.08 -26.42
C PRO A 342 -13.13 0.80 -25.63
N SER A 343 -14.07 0.05 -25.06
CA SER A 343 -15.12 0.63 -24.22
C SER A 343 -16.06 -0.45 -23.68
N THR A 344 -17.15 -0.01 -23.07
CA THR A 344 -18.08 -0.97 -22.52
C THR A 344 -19.06 -1.39 -23.60
N LYS A 345 -19.78 -2.47 -23.32
CA LYS A 345 -20.93 -2.87 -24.11
C LYS A 345 -22.19 -2.94 -23.25
N SER A 346 -23.35 -2.76 -23.87
CA SER A 346 -24.61 -2.80 -23.15
C SER A 346 -24.85 -4.06 -22.29
N ASN A 347 -23.92 -5.00 -22.28
CA ASN A 347 -24.07 -6.16 -21.41
C ASN A 347 -22.74 -6.72 -20.90
N THR A 348 -21.75 -5.85 -20.86
CA THR A 348 -20.39 -6.24 -20.52
C THR A 348 -20.33 -6.77 -19.09
N PHE A 349 -21.13 -6.20 -18.19
CA PHE A 349 -20.99 -6.57 -16.78
C PHE A 349 -22.15 -7.39 -16.23
N THR A 350 -23.09 -7.69 -17.11
CA THR A 350 -24.26 -8.47 -16.74
C THR A 350 -23.93 -9.77 -16.02
N GLY A 351 -24.69 -10.04 -14.96
CA GLY A 351 -24.50 -11.28 -14.23
C GLY A 351 -23.68 -11.08 -12.97
N LEU A 352 -22.88 -10.02 -12.90
CA LEU A 352 -22.15 -9.70 -11.70
C LEU A 352 -23.07 -9.13 -10.62
N VAL A 353 -23.90 -9.98 -10.02
CA VAL A 353 -24.88 -9.50 -9.04
C VAL A 353 -24.47 -9.44 -7.57
N SER A 354 -23.18 -9.53 -7.25
CA SER A 354 -22.74 -9.30 -5.88
C SER A 354 -21.53 -8.37 -5.89
N LEU A 355 -21.26 -7.80 -7.05
CA LEU A 355 -20.14 -6.88 -7.22
C LEU A 355 -20.28 -5.69 -6.27
N LYS A 356 -19.15 -5.31 -5.70
CA LYS A 356 -19.02 -4.11 -4.90
C LYS A 356 -17.92 -3.15 -5.36
N TYR A 357 -16.73 -3.70 -5.66
CA TYR A 357 -15.60 -2.86 -6.01
C TYR A 357 -15.17 -3.15 -7.43
N LEU A 358 -15.27 -2.15 -8.29
CA LEU A 358 -14.98 -2.25 -9.71
C LEU A 358 -13.89 -1.23 -10.00
N SER A 359 -12.72 -1.71 -10.41
CA SER A 359 -11.60 -0.81 -10.65
C SER A 359 -11.39 -0.71 -12.15
N LEU A 360 -11.28 0.48 -12.75
CA LEU A 360 -11.19 0.59 -14.23
C LEU A 360 -10.21 1.68 -14.61
N SER A 361 -9.13 1.75 -13.84
CA SER A 361 -8.14 2.79 -14.06
C SER A 361 -7.28 2.42 -15.28
N LYS A 362 -7.22 3.34 -16.24
CA LYS A 362 -6.32 3.22 -17.40
C LYS A 362 -6.69 1.92 -18.09
N THR A 363 -7.98 1.79 -18.35
CA THR A 363 -8.56 0.54 -18.84
C THR A 363 -9.08 0.78 -20.26
N PHE A 364 -9.54 1.99 -20.52
CA PHE A 364 -10.19 2.21 -21.80
C PHE A 364 -9.36 3.09 -22.73
N THR A 365 -9.64 2.99 -24.01
CA THR A 365 -8.83 3.76 -24.94
C THR A 365 -9.76 4.59 -25.77
N SER A 366 -10.95 4.07 -26.04
CA SER A 366 -11.80 4.77 -26.98
C SER A 366 -13.11 5.22 -26.34
N LEU A 367 -13.02 5.87 -25.19
CA LEU A 367 -14.22 6.25 -24.46
C LEU A 367 -14.52 7.73 -24.54
N GLN A 368 -14.01 8.50 -23.59
CA GLN A 368 -14.00 9.94 -23.84
C GLN A 368 -15.37 10.55 -23.64
N THR A 369 -16.43 9.85 -23.99
CA THR A 369 -17.75 10.35 -23.63
C THR A 369 -18.52 9.29 -22.86
N LEU A 370 -19.04 9.65 -21.70
CA LEU A 370 -19.91 8.75 -20.96
C LEU A 370 -21.35 9.11 -21.33
N THR A 371 -22.19 8.10 -21.53
CA THR A 371 -23.58 8.29 -21.91
C THR A 371 -24.55 7.54 -21.00
N ASN A 372 -25.84 7.85 -21.17
CA ASN A 372 -26.89 7.21 -20.39
C ASN A 372 -26.95 5.70 -20.52
N GLU A 373 -26.00 5.10 -21.25
CA GLU A 373 -26.07 3.68 -21.54
C GLU A 373 -24.71 3.05 -21.26
N THR A 374 -23.72 3.85 -20.89
CA THR A 374 -22.39 3.28 -20.73
C THR A 374 -22.33 2.22 -19.63
N PHE A 375 -22.96 2.51 -18.49
CA PHE A 375 -22.90 1.59 -17.37
C PHE A 375 -24.14 0.73 -17.14
N VAL A 376 -25.00 0.70 -18.15
CA VAL A 376 -26.25 -0.07 -18.02
C VAL A 376 -26.05 -1.54 -17.65
N SER A 377 -24.90 -2.10 -17.96
CA SER A 377 -24.63 -3.48 -17.56
C SER A 377 -24.47 -3.75 -16.06
N LEU A 378 -24.41 -2.69 -15.25
CA LEU A 378 -24.29 -2.80 -13.81
C LEU A 378 -25.59 -2.43 -13.12
N ALA A 379 -26.65 -2.22 -13.89
CA ALA A 379 -27.90 -1.81 -13.27
C ALA A 379 -28.28 -2.78 -12.16
N HIS A 380 -27.74 -3.99 -12.19
CA HIS A 380 -28.10 -4.99 -11.20
C HIS A 380 -26.95 -5.40 -10.28
N SER A 381 -25.99 -4.50 -10.13
CA SER A 381 -24.84 -4.81 -9.29
C SER A 381 -24.90 -3.86 -8.09
N PRO A 382 -24.79 -4.38 -6.87
CA PRO A 382 -24.67 -3.57 -5.66
C PRO A 382 -23.30 -2.89 -5.54
N LEU A 383 -22.95 -2.04 -6.51
CA LEU A 383 -21.63 -1.41 -6.58
C LEU A 383 -21.52 -0.29 -5.57
N LEU A 384 -20.38 -0.23 -4.90
CA LEU A 384 -20.11 0.81 -3.93
C LEU A 384 -18.92 1.67 -4.40
N THR A 385 -18.04 1.08 -5.18
CA THR A 385 -16.83 1.78 -5.57
C THR A 385 -16.63 1.74 -7.08
N LEU A 386 -16.34 2.87 -7.73
CA LEU A 386 -16.05 2.89 -9.16
C LEU A 386 -14.85 3.77 -9.49
N ASN A 387 -13.73 3.19 -9.93
CA ASN A 387 -12.54 3.98 -10.33
C ASN A 387 -12.51 4.24 -11.84
N LEU A 388 -12.31 5.49 -12.28
CA LEU A 388 -12.27 5.79 -13.71
C LEU A 388 -11.12 6.71 -14.07
N THR A 389 -10.14 6.78 -13.16
CA THR A 389 -8.94 7.55 -13.43
C THR A 389 -8.21 7.14 -14.72
N LYS A 390 -7.59 8.13 -15.35
CA LYS A 390 -6.73 7.91 -16.52
C LYS A 390 -7.43 7.27 -17.70
N ASN A 391 -8.60 7.74 -18.08
CA ASN A 391 -9.23 7.15 -19.25
C ASN A 391 -9.37 8.14 -20.40
N HIS A 392 -8.91 9.37 -20.22
CA HIS A 392 -9.10 10.39 -21.26
C HIS A 392 -10.55 10.78 -21.48
N ILE A 393 -11.32 10.76 -20.38
CA ILE A 393 -12.73 11.08 -20.50
C ILE A 393 -12.81 12.57 -20.65
N SER A 394 -13.64 13.05 -21.58
CA SER A 394 -13.79 14.50 -21.72
C SER A 394 -15.19 15.03 -21.45
N LYS A 395 -16.21 14.20 -21.60
CA LYS A 395 -17.56 14.68 -21.39
C LYS A 395 -18.40 13.65 -20.62
N ILE A 396 -19.17 14.11 -19.65
CA ILE A 396 -20.09 13.19 -18.97
C ILE A 396 -21.51 13.62 -19.28
N ALA A 397 -22.39 12.72 -19.72
CA ALA A 397 -23.73 13.16 -20.10
C ALA A 397 -24.85 12.98 -19.06
N ASN A 398 -25.89 13.80 -19.15
CA ASN A 398 -27.16 13.55 -18.44
C ASN A 398 -27.46 12.08 -18.13
N GLY A 399 -27.39 11.69 -16.86
CA GLY A 399 -27.92 10.41 -16.44
C GLY A 399 -26.92 9.27 -16.53
N THR A 400 -25.67 9.59 -16.83
CA THR A 400 -24.62 8.59 -16.94
C THR A 400 -24.67 7.58 -15.80
N PHE A 401 -24.90 8.05 -14.56
CA PHE A 401 -24.79 7.18 -13.40
C PHE A 401 -26.10 6.70 -12.78
N SER A 402 -27.21 7.01 -13.44
CA SER A 402 -28.52 6.67 -12.89
C SER A 402 -28.58 5.19 -12.54
N TRP A 403 -27.72 4.38 -13.15
CA TRP A 403 -27.65 2.94 -12.82
C TRP A 403 -27.04 2.64 -11.45
N LEU A 404 -26.04 3.39 -11.01
CA LEU A 404 -25.29 2.97 -9.84
C LEU A 404 -25.94 3.55 -8.59
N GLY A 405 -27.23 3.28 -8.41
CA GLY A 405 -27.99 3.76 -7.27
C GLY A 405 -27.41 3.51 -5.90
N GLN A 406 -26.40 2.65 -5.81
CA GLN A 406 -25.82 2.38 -4.50
C GLN A 406 -24.34 2.68 -4.44
N LEU A 407 -23.87 3.59 -5.27
CA LEU A 407 -22.44 3.88 -5.29
C LEU A 407 -22.06 4.74 -4.09
N ARG A 408 -20.86 4.59 -3.55
CA ARG A 408 -20.39 5.47 -2.48
C ARG A 408 -19.12 6.23 -2.84
N ILE A 409 -18.24 5.58 -3.60
CA ILE A 409 -17.04 6.27 -4.07
C ILE A 409 -17.02 6.37 -5.59
N LEU A 410 -16.79 7.57 -6.10
CA LEU A 410 -16.73 7.75 -7.55
C LEU A 410 -15.42 8.43 -7.82
N ASP A 411 -14.58 7.93 -8.71
CA ASP A 411 -13.27 8.57 -8.92
C ASP A 411 -13.02 8.95 -10.39
N LEU A 412 -13.14 10.22 -10.76
CA LEU A 412 -13.02 10.61 -12.16
C LEU A 412 -11.82 11.53 -12.33
N GLY A 413 -10.84 11.39 -11.44
CA GLY A 413 -9.69 12.27 -11.59
C GLY A 413 -8.77 11.80 -12.70
N LEU A 414 -7.73 12.59 -12.96
CA LEU A 414 -6.75 12.28 -13.98
C LEU A 414 -7.45 12.00 -15.33
N ASN A 415 -8.37 12.86 -15.72
CA ASN A 415 -9.05 12.66 -16.99
C ASN A 415 -8.98 13.99 -17.70
N GLU A 416 -9.71 14.17 -18.78
CA GLU A 416 -9.66 15.41 -19.55
C GLU A 416 -11.08 15.97 -19.61
N ILE A 417 -11.77 15.94 -18.48
CA ILE A 417 -13.15 16.37 -18.50
C ILE A 417 -13.20 17.86 -18.79
N GLU A 418 -14.17 18.23 -19.61
CA GLU A 418 -14.32 19.62 -19.98
C GLU A 418 -15.78 19.93 -20.24
N GLN A 419 -16.46 20.49 -19.27
CA GLN A 419 -17.86 20.80 -19.48
C GLN A 419 -18.47 21.64 -18.38
N LYS A 420 -19.77 21.92 -18.57
CA LYS A 420 -20.56 22.63 -17.57
C LYS A 420 -21.40 21.61 -16.81
N LEU A 421 -21.40 21.70 -15.48
CA LEU A 421 -22.21 20.83 -14.63
C LEU A 421 -23.60 21.43 -14.40
N SER A 422 -24.59 20.99 -15.18
CA SER A 422 -25.98 21.31 -14.93
C SER A 422 -26.50 20.64 -13.66
N GLY A 423 -25.84 19.56 -13.24
CA GLY A 423 -26.22 18.83 -12.04
C GLY A 423 -26.84 17.48 -12.39
N GLN A 424 -27.21 17.31 -13.66
CA GLN A 424 -27.80 16.08 -14.16
C GLN A 424 -26.90 14.88 -14.41
N GLU A 425 -25.58 15.04 -14.43
CA GLU A 425 -24.70 13.87 -14.47
C GLU A 425 -24.87 12.95 -13.26
N TRP A 426 -25.08 13.54 -12.09
CA TRP A 426 -25.14 12.82 -10.84
C TRP A 426 -26.54 12.21 -10.60
N ARG A 427 -27.51 12.64 -11.40
CA ARG A 427 -28.86 12.10 -11.39
C ARG A 427 -28.83 10.61 -11.09
N GLY A 428 -29.28 10.23 -9.89
CA GLY A 428 -29.41 8.83 -9.53
C GLY A 428 -28.47 8.35 -8.45
N LEU A 429 -27.39 9.09 -8.19
CA LEU A 429 -26.52 8.74 -7.08
C LEU A 429 -27.11 9.04 -5.69
N ARG A 430 -27.96 8.15 -5.18
CA ARG A 430 -28.65 8.35 -3.90
C ARG A 430 -27.76 8.14 -2.66
N ASN A 431 -26.61 7.50 -2.80
CA ASN A 431 -25.83 7.18 -1.61
C ASN A 431 -24.37 7.63 -1.67
N ILE A 432 -24.07 8.44 -2.68
CA ILE A 432 -22.70 8.82 -3.02
C ILE A 432 -22.07 9.53 -1.83
N PHE A 433 -20.80 9.24 -1.59
CA PHE A 433 -20.20 9.70 -0.35
C PHE A 433 -19.01 10.56 -0.72
N GLU A 434 -18.20 10.09 -1.65
CA GLU A 434 -17.07 10.87 -2.14
C GLU A 434 -17.04 10.96 -3.67
N ILE A 435 -16.75 12.14 -4.21
CA ILE A 435 -16.55 12.31 -5.65
C ILE A 435 -15.18 12.95 -5.91
N TYR A 436 -14.38 12.39 -6.79
CA TYR A 436 -13.07 12.92 -7.07
C TYR A 436 -13.07 13.47 -8.50
N LEU A 437 -12.81 14.77 -8.67
CA LEU A 437 -12.69 15.38 -10.01
C LEU A 437 -11.35 16.08 -10.22
N SER A 438 -10.43 15.92 -9.29
CA SER A 438 -9.15 16.58 -9.47
C SER A 438 -8.36 16.21 -10.73
N TYR A 439 -7.49 17.08 -11.22
CA TYR A 439 -6.71 16.83 -12.42
C TYR A 439 -7.51 16.70 -13.70
N ASN A 440 -8.42 17.66 -13.92
CA ASN A 440 -9.17 17.69 -15.17
C ASN A 440 -8.97 19.04 -15.85
N LYS A 441 -9.61 19.22 -17.00
CA LYS A 441 -9.40 20.41 -17.82
C LYS A 441 -10.17 21.57 -17.24
N TYR A 442 -11.50 21.47 -17.21
CA TYR A 442 -12.28 22.59 -16.72
C TYR A 442 -13.74 22.31 -16.41
N LEU A 443 -14.24 22.83 -15.30
CA LEU A 443 -15.64 22.60 -14.96
C LEU A 443 -16.40 23.90 -14.74
N GLN A 444 -17.48 24.07 -15.47
CA GLN A 444 -18.24 25.31 -15.42
C GLN A 444 -19.39 25.01 -14.46
N LEU A 445 -19.39 25.64 -13.29
CA LEU A 445 -20.40 25.32 -12.29
C LEU A 445 -21.73 26.01 -12.51
N SER A 446 -22.67 25.76 -11.61
CA SER A 446 -24.02 26.27 -11.71
C SER A 446 -24.80 26.15 -10.40
N THR A 447 -25.90 26.90 -10.31
CA THR A 447 -26.72 26.86 -9.13
C THR A 447 -27.11 25.45 -8.70
N SER A 448 -27.36 24.57 -9.68
CA SER A 448 -27.64 23.14 -9.43
C SER A 448 -26.51 22.10 -9.56
N SER A 449 -25.27 22.52 -9.81
CA SER A 449 -24.19 21.53 -10.02
C SER A 449 -24.24 20.33 -9.10
N PHE A 450 -24.45 20.57 -7.80
CA PHE A 450 -24.54 19.45 -6.87
C PHE A 450 -25.87 19.30 -6.15
N ALA A 451 -26.95 19.80 -6.74
CA ALA A 451 -28.28 19.74 -6.15
C ALA A 451 -28.81 18.31 -5.94
N LEU A 452 -28.44 17.39 -6.83
CA LEU A 452 -28.91 16.02 -6.73
C LEU A 452 -28.03 15.08 -5.89
N VAL A 453 -26.94 15.57 -5.31
CA VAL A 453 -26.06 14.74 -4.47
C VAL A 453 -25.78 15.26 -3.04
N PRO A 454 -26.86 15.52 -2.28
CA PRO A 454 -26.82 16.00 -0.90
C PRO A 454 -26.16 15.08 0.14
N SER A 455 -26.16 13.78 -0.09
CA SER A 455 -25.44 12.86 0.76
C SER A 455 -23.93 12.97 0.67
N LEU A 456 -23.43 13.68 -0.34
CA LEU A 456 -22.00 13.85 -0.52
C LEU A 456 -21.32 14.23 0.77
N GLN A 457 -20.13 13.71 1.02
CA GLN A 457 -19.33 14.15 2.15
C GLN A 457 -17.92 14.62 1.81
N ARG A 458 -17.32 14.03 0.78
CA ARG A 458 -16.00 14.44 0.33
C ARG A 458 -16.06 14.81 -1.15
N LEU A 459 -15.49 15.97 -1.44
CA LEU A 459 -15.50 16.45 -2.81
C LEU A 459 -14.12 17.03 -3.16
N MET A 460 -13.38 16.49 -4.11
CA MET A 460 -12.12 17.13 -4.50
C MET A 460 -12.19 17.77 -5.88
N LEU A 461 -11.82 19.05 -5.97
CA LEU A 461 -11.74 19.77 -7.23
C LEU A 461 -10.36 20.44 -7.35
N ARG A 462 -9.28 19.68 -7.12
CA ARG A 462 -7.93 20.22 -7.27
C ARG A 462 -7.53 20.37 -8.74
N ARG A 463 -6.75 21.39 -9.04
CA ARG A 463 -6.22 21.59 -10.39
C ARG A 463 -7.28 21.39 -11.47
N VAL A 464 -8.41 22.06 -11.36
CA VAL A 464 -9.43 21.95 -12.41
C VAL A 464 -9.87 23.19 -13.20
N ALA A 465 -9.58 24.40 -12.71
CA ALA A 465 -10.00 25.62 -13.39
C ALA A 465 -11.52 25.76 -13.32
N LEU A 466 -12.04 26.39 -12.27
CA LEU A 466 -13.50 26.48 -12.10
C LEU A 466 -14.12 27.74 -12.70
N LYS A 467 -15.15 27.55 -13.53
CA LYS A 467 -15.85 28.70 -14.12
C LYS A 467 -17.13 28.96 -13.34
N ASN A 468 -17.64 30.18 -13.43
CA ASN A 468 -18.91 30.58 -12.81
C ASN A 468 -19.05 30.23 -11.32
N VAL A 469 -18.17 30.79 -10.50
CA VAL A 469 -18.16 30.45 -9.09
C VAL A 469 -18.78 31.51 -8.18
N ASP A 470 -18.87 32.75 -8.65
CA ASP A 470 -19.51 33.77 -7.85
C ASP A 470 -20.98 33.85 -8.27
N ILE A 471 -21.77 32.91 -7.76
CA ILE A 471 -23.19 32.90 -8.07
C ILE A 471 -24.00 32.57 -6.82
N SER A 472 -25.05 33.34 -6.57
CA SER A 472 -25.89 33.03 -5.42
C SER A 472 -27.20 32.39 -5.86
N PRO A 473 -27.64 31.37 -5.11
CA PRO A 473 -26.89 30.80 -4.00
C PRO A 473 -25.72 29.92 -4.46
N SER A 474 -24.72 29.78 -3.61
CA SER A 474 -23.50 29.07 -3.96
C SER A 474 -23.80 27.70 -4.53
N PRO A 475 -22.93 27.22 -5.42
CA PRO A 475 -23.07 25.90 -6.01
C PRO A 475 -22.88 24.78 -4.99
N PHE A 476 -22.03 25.00 -3.98
CA PHE A 476 -21.87 24.09 -2.83
C PHE A 476 -22.98 24.12 -1.75
N ARG A 477 -24.02 24.93 -1.96
CA ARG A 477 -25.06 25.13 -0.99
C ARG A 477 -25.81 23.86 -0.57
N PRO A 478 -26.16 23.00 -1.54
CA PRO A 478 -26.90 21.87 -1.00
C PRO A 478 -26.07 20.85 -0.24
N LEU A 479 -24.78 21.08 -0.08
CA LEU A 479 -23.98 20.02 0.50
C LEU A 479 -23.85 20.18 2.02
N ARG A 480 -24.96 20.04 2.72
CA ARG A 480 -24.97 20.22 4.17
C ARG A 480 -24.06 19.27 4.94
N ASN A 481 -23.90 18.04 4.46
CA ASN A 481 -23.12 17.04 5.21
C ASN A 481 -21.68 16.94 4.68
N LEU A 482 -21.24 17.98 3.99
CA LEU A 482 -19.92 17.95 3.38
C LEU A 482 -18.87 18.05 4.48
N THR A 483 -17.83 17.22 4.45
CA THR A 483 -16.79 17.35 5.47
C THR A 483 -15.42 17.67 4.93
N ILE A 484 -15.21 17.44 3.64
CA ILE A 484 -13.92 17.77 3.02
C ILE A 484 -14.12 18.46 1.68
N LEU A 485 -13.57 19.66 1.55
CA LEU A 485 -13.75 20.43 0.33
C LEU A 485 -12.37 20.90 -0.11
N ASP A 486 -11.70 20.09 -0.92
CA ASP A 486 -10.32 20.34 -1.29
C ASP A 486 -10.42 20.86 -2.70
N LEU A 487 -10.39 22.17 -2.85
CA LEU A 487 -10.32 22.76 -4.17
C LEU A 487 -9.22 23.80 -4.18
N SER A 488 -8.07 23.46 -4.76
CA SER A 488 -6.94 24.37 -4.83
C SER A 488 -6.41 24.42 -6.26
N ASN A 489 -5.53 25.37 -6.56
CA ASN A 489 -5.01 25.50 -7.90
C ASN A 489 -6.07 25.69 -8.98
N ASN A 490 -7.12 26.45 -8.68
CA ASN A 490 -8.14 26.70 -9.68
C ASN A 490 -8.02 28.14 -10.18
N ASN A 491 -7.41 28.98 -9.34
CA ASN A 491 -7.41 30.42 -9.56
C ASN A 491 -8.76 30.83 -10.11
N ILE A 492 -9.66 31.13 -9.17
CA ILE A 492 -11.06 31.42 -9.49
C ILE A 492 -11.14 32.92 -9.76
N ALA A 493 -11.85 33.29 -10.82
CA ALA A 493 -11.89 34.69 -11.23
C ALA A 493 -12.59 35.58 -10.20
N ASN A 494 -13.76 35.15 -9.75
CA ASN A 494 -14.55 35.89 -8.78
C ASN A 494 -15.21 34.96 -7.76
N ILE A 495 -15.02 35.29 -6.49
CA ILE A 495 -15.47 34.45 -5.40
C ILE A 495 -16.39 35.29 -4.56
N ASN A 496 -17.69 35.17 -4.78
CA ASN A 496 -18.65 35.79 -3.89
C ASN A 496 -18.56 35.15 -2.50
N GLU A 497 -18.76 35.92 -1.43
CA GLU A 497 -18.45 35.46 -0.06
C GLU A 497 -19.58 34.65 0.54
N ASP A 498 -20.61 34.41 -0.25
CA ASP A 498 -21.73 33.57 0.13
C ASP A 498 -21.28 32.11 0.14
N LEU A 499 -20.22 31.83 -0.61
CA LEU A 499 -19.66 30.48 -0.77
C LEU A 499 -19.50 29.79 0.57
N LEU A 500 -19.76 28.50 0.65
CA LEU A 500 -19.47 27.84 1.92
C LEU A 500 -20.46 28.16 3.03
N GLU A 501 -21.49 28.95 2.76
CA GLU A 501 -22.49 29.20 3.79
C GLU A 501 -23.33 27.93 4.01
N GLY A 502 -23.42 27.51 5.26
CA GLY A 502 -24.20 26.30 5.56
C GLY A 502 -23.39 25.03 5.62
N LEU A 503 -22.12 25.07 5.26
CA LEU A 503 -21.31 23.90 5.47
C LEU A 503 -20.89 23.71 6.93
N GLU A 504 -21.85 23.40 7.79
CA GLU A 504 -21.61 23.27 9.22
C GLU A 504 -20.74 22.08 9.62
N ASN A 505 -20.79 21.01 8.83
CA ASN A 505 -19.91 19.87 9.06
C ASN A 505 -18.49 19.89 8.44
N LEU A 506 -18.09 21.00 7.83
CA LEU A 506 -16.84 21.06 7.09
C LEU A 506 -15.68 20.93 8.06
N GLU A 507 -14.71 20.08 7.76
CA GLU A 507 -13.63 19.90 8.71
C GLU A 507 -12.29 20.23 8.08
N ILE A 508 -12.16 19.88 6.81
CA ILE A 508 -10.99 20.27 6.03
C ILE A 508 -11.37 21.20 4.90
N LEU A 509 -10.74 22.38 4.84
CA LEU A 509 -10.86 23.21 3.65
C LEU A 509 -9.49 23.54 3.05
N ASP A 510 -9.30 23.14 1.79
CA ASP A 510 -8.09 23.42 1.03
C ASP A 510 -8.44 24.44 -0.05
N PHE A 511 -7.83 25.62 0.05
CA PHE A 511 -7.98 26.74 -0.89
C PHE A 511 -6.60 27.32 -1.15
N GLN A 512 -5.69 26.54 -1.72
CA GLN A 512 -4.37 27.09 -2.08
C GLN A 512 -4.23 27.52 -3.54
N HIS A 513 -3.25 28.37 -3.81
CA HIS A 513 -3.01 28.78 -5.18
C HIS A 513 -4.34 29.18 -5.81
N ASN A 514 -5.13 29.97 -5.10
CA ASN A 514 -6.31 30.53 -5.74
C ASN A 514 -6.40 32.05 -5.67
N ASN A 515 -5.24 32.71 -5.66
CA ASN A 515 -5.28 34.17 -5.60
C ASN A 515 -6.55 34.67 -4.91
N LEU A 516 -6.66 34.34 -3.63
CA LEU A 516 -7.77 34.73 -2.77
C LEU A 516 -7.62 36.17 -2.31
N ALA A 517 -6.45 36.77 -2.46
CA ALA A 517 -6.27 38.14 -2.02
C ALA A 517 -7.11 39.17 -2.77
N ARG A 518 -7.09 39.10 -4.11
CA ARG A 518 -7.86 40.02 -4.96
C ARG A 518 -9.30 40.22 -4.49
N LEU A 519 -10.09 39.16 -4.60
CA LEU A 519 -11.40 39.20 -3.99
C LEU A 519 -11.30 39.22 -2.47
N TRP A 520 -11.08 40.40 -1.90
CA TRP A 520 -10.90 40.48 -0.45
C TRP A 520 -10.64 41.88 0.10
N VAL A 529 -16.71 40.71 3.52
CA VAL A 529 -15.75 39.62 3.34
C VAL A 529 -16.15 38.42 4.22
N ASN A 530 -15.31 38.05 5.19
CA ASN A 530 -15.57 36.93 6.11
C ASN A 530 -16.03 35.59 5.51
N PHE A 531 -15.04 34.96 4.88
CA PHE A 531 -15.12 33.69 4.19
C PHE A 531 -15.78 32.63 5.07
N LEU A 532 -15.00 32.13 6.03
CA LEU A 532 -15.40 31.16 7.03
C LEU A 532 -16.49 31.73 7.92
N LYS A 533 -17.74 31.29 7.77
CA LYS A 533 -18.85 31.96 8.44
C LYS A 533 -19.16 31.15 9.68
N GLY A 534 -19.94 30.09 9.54
CA GLY A 534 -20.22 29.28 10.73
C GLY A 534 -19.52 27.94 10.76
N LEU A 535 -18.28 27.85 10.29
CA LEU A 535 -17.66 26.53 10.11
C LEU A 535 -16.96 26.10 11.40
N SER A 536 -17.76 25.81 12.42
CA SER A 536 -17.20 25.62 13.75
C SER A 536 -16.61 24.22 13.95
N HIS A 537 -16.85 23.30 13.02
CA HIS A 537 -16.11 22.05 12.97
C HIS A 537 -14.80 22.08 12.13
N LEU A 538 -14.35 23.22 11.60
CA LEU A 538 -13.07 23.24 10.90
C LEU A 538 -11.82 22.82 11.67
N HIS A 539 -11.09 21.84 11.15
CA HIS A 539 -9.95 21.35 11.91
C HIS A 539 -8.64 21.68 11.20
N ILE A 540 -8.63 21.35 9.91
CA ILE A 540 -7.52 21.68 9.05
C ILE A 540 -7.83 22.72 7.96
N LEU A 541 -7.05 23.82 7.92
CA LEU A 541 -7.32 24.92 7.00
C LEU A 541 -6.10 25.40 6.23
N ASN A 542 -6.07 25.16 4.92
CA ASN A 542 -4.89 25.53 4.15
C ASN A 542 -5.17 26.64 3.11
N LEU A 543 -4.70 27.86 3.37
CA LEU A 543 -4.85 29.01 2.51
C LEU A 543 -3.48 29.48 2.06
N GLU A 544 -2.68 28.51 1.64
CA GLU A 544 -1.31 28.74 1.25
C GLU A 544 -1.23 29.25 -0.19
N SER A 545 -0.35 30.22 -0.42
CA SER A 545 -0.15 30.76 -1.76
C SER A 545 -1.29 31.59 -2.34
N ASN A 546 -1.87 32.52 -1.58
CA ASN A 546 -2.91 33.37 -2.17
C ASN A 546 -2.58 34.85 -2.26
N GLY A 547 -1.30 35.23 -2.25
CA GLY A 547 -0.97 36.64 -2.28
C GLY A 547 -1.65 37.44 -1.18
N LEU A 548 -1.87 36.83 -0.02
CA LEU A 548 -2.53 37.49 1.10
C LEU A 548 -1.52 38.42 1.77
N ASP A 549 -1.97 39.61 2.13
CA ASP A 549 -1.07 40.58 2.77
C ASP A 549 -1.75 41.53 3.76
N GLU A 550 -3.01 41.32 4.07
CA GLU A 550 -3.66 42.19 5.02
C GLU A 550 -4.98 41.51 5.38
N ILE A 551 -4.87 40.39 6.11
CA ILE A 551 -5.98 39.62 6.70
C ILE A 551 -6.84 40.16 7.87
N PRO A 552 -8.18 40.28 7.69
CA PRO A 552 -9.11 40.91 8.64
C PRO A 552 -9.22 40.25 10.02
N VAL A 553 -9.63 41.03 11.01
CA VAL A 553 -9.91 40.54 12.36
C VAL A 553 -11.34 40.04 12.39
N GLY A 554 -11.51 38.76 12.67
CA GLY A 554 -12.82 38.17 12.77
C GLY A 554 -12.94 36.96 11.88
N VAL A 555 -11.95 36.73 11.00
CA VAL A 555 -12.06 35.60 10.09
C VAL A 555 -11.84 34.29 10.83
N PHE A 556 -11.22 34.33 12.00
CA PHE A 556 -11.06 33.08 12.71
C PHE A 556 -11.88 33.06 13.99
N LYS A 557 -12.81 34.01 14.13
CA LYS A 557 -13.60 34.14 15.35
C LYS A 557 -14.50 32.94 15.37
N ASN A 558 -14.50 32.17 16.44
CA ASN A 558 -15.34 30.96 16.58
C ASN A 558 -14.89 29.67 15.88
N LEU A 559 -13.65 29.59 15.40
CA LEU A 559 -13.15 28.31 14.91
C LEU A 559 -12.23 27.74 15.98
N PHE A 560 -12.87 27.07 16.94
CA PHE A 560 -12.31 26.72 18.23
C PHE A 560 -11.69 25.34 18.05
N GLU A 561 -12.01 24.73 16.91
CA GLU A 561 -11.59 23.38 16.58
C GLU A 561 -10.40 23.29 15.65
N LEU A 562 -9.86 24.42 15.20
CA LEU A 562 -8.69 24.39 14.33
C LEU A 562 -7.47 23.69 14.92
N LYS A 563 -6.95 22.70 14.22
CA LYS A 563 -5.75 22.00 14.69
C LYS A 563 -4.51 22.38 13.86
N SER A 564 -4.74 22.63 12.57
CA SER A 564 -3.63 23.14 11.79
C SER A 564 -4.09 24.25 10.89
N ILE A 565 -3.30 25.33 10.89
CA ILE A 565 -3.51 26.49 10.02
C ILE A 565 -2.24 26.74 9.25
N ASN A 566 -2.35 26.68 7.92
CA ASN A 566 -1.25 26.95 7.02
C ASN A 566 -1.49 28.18 6.18
N LEU A 567 -0.85 29.30 6.55
CA LEU A 567 -0.80 30.57 5.78
C LEU A 567 0.59 30.85 5.21
N GLY A 568 1.35 29.82 4.89
CA GLY A 568 2.69 30.04 4.32
C GLY A 568 2.64 30.78 3.00
N LEU A 569 3.79 31.16 2.46
CA LEU A 569 3.83 31.63 1.07
C LEU A 569 2.75 32.68 0.78
N ASN A 570 2.69 33.71 1.61
CA ASN A 570 1.88 34.86 1.28
C ASN A 570 2.69 36.12 1.50
N ASN A 571 2.02 37.24 1.71
CA ASN A 571 2.71 38.50 1.85
C ASN A 571 2.31 39.19 3.15
N LEU A 572 1.95 38.38 4.15
CA LEU A 572 1.62 38.88 5.47
C LEU A 572 2.82 39.50 6.19
N ASN A 573 2.54 40.60 6.88
CA ASN A 573 3.52 41.27 7.72
C ASN A 573 2.85 41.75 9.03
N LYS A 574 2.03 42.78 8.93
CA LYS A 574 1.31 43.30 10.08
C LYS A 574 0.06 42.50 10.44
N LEU A 575 -0.02 42.03 11.69
CA LEU A 575 -1.19 41.29 12.15
C LEU A 575 -1.91 41.97 13.32
N GLU A 576 -3.23 42.04 13.25
CA GLU A 576 -4.04 42.70 14.26
C GLU A 576 -4.08 41.85 15.53
N PRO A 577 -3.83 42.45 16.69
CA PRO A 577 -3.83 41.62 17.88
C PRO A 577 -5.21 40.99 18.14
N PHE A 578 -5.17 39.74 18.61
CA PHE A 578 -6.36 38.96 18.95
C PHE A 578 -6.93 38.09 17.85
N ILE A 579 -6.37 38.19 16.64
CA ILE A 579 -6.84 37.32 15.55
C ILE A 579 -6.93 35.86 15.93
N PHE A 580 -5.92 35.34 16.61
CA PHE A 580 -5.87 33.93 16.95
C PHE A 580 -6.32 33.71 18.38
N ASP A 581 -7.25 34.53 18.86
CA ASP A 581 -7.72 34.48 20.26
C ASP A 581 -8.42 33.15 20.54
N ASP A 582 -9.11 32.64 19.54
CA ASP A 582 -9.86 31.40 19.69
C ASP A 582 -9.12 30.14 19.24
N GLN A 583 -7.86 30.22 18.85
CA GLN A 583 -7.18 29.02 18.42
C GLN A 583 -6.25 28.51 19.50
N THR A 584 -6.81 27.96 20.57
CA THR A 584 -6.00 27.59 21.73
C THR A 584 -5.66 26.09 21.75
N SER A 585 -6.47 25.29 21.06
CA SER A 585 -6.17 23.91 20.71
C SER A 585 -5.29 23.71 19.47
N LEU A 586 -4.68 24.75 18.93
CA LEU A 586 -3.84 24.60 17.75
C LEU A 586 -2.64 23.69 18.03
N ARG A 587 -2.48 22.65 17.22
CA ARG A 587 -1.27 21.81 17.18
C ARG A 587 -0.13 22.18 16.20
N SER A 588 -0.50 22.87 15.12
CA SER A 588 0.43 23.16 14.05
C SER A 588 0.19 24.56 13.47
N LEU A 589 1.25 25.35 13.35
CA LEU A 589 1.18 26.68 12.74
C LEU A 589 2.33 26.92 11.78
N ASN A 590 1.95 27.23 10.54
CA ASN A 590 2.92 27.50 9.48
C ASN A 590 2.59 28.83 8.82
N LEU A 591 3.51 29.78 8.99
CA LEU A 591 3.52 31.03 8.23
C LEU A 591 4.86 31.23 7.53
N GLN A 592 5.48 30.14 7.07
CA GLN A 592 6.76 30.28 6.40
C GLN A 592 6.65 31.14 5.14
N LYS A 593 7.79 31.76 4.79
CA LYS A 593 8.03 32.52 3.56
C LYS A 593 7.01 33.63 3.40
N ASN A 594 6.86 34.44 4.44
CA ASN A 594 5.95 35.57 4.44
C ASN A 594 6.82 36.81 4.64
N LEU A 595 6.20 37.85 5.18
CA LEU A 595 6.92 39.10 5.27
C LEU A 595 6.89 39.59 6.70
N ILE A 596 6.78 38.67 7.65
CA ILE A 596 6.51 39.03 9.03
C ILE A 596 7.72 39.69 9.68
N THR A 597 7.47 40.74 10.47
CA THR A 597 8.56 41.52 11.02
C THR A 597 8.60 41.41 12.54
N SER A 598 7.41 41.29 13.12
CA SER A 598 7.23 41.19 14.56
C SER A 598 6.46 39.94 14.99
N VAL A 599 6.63 39.52 16.23
CA VAL A 599 6.01 38.28 16.70
C VAL A 599 5.60 38.57 18.15
N GLU A 600 4.56 39.39 18.25
CA GLU A 600 4.08 39.90 19.54
C GLU A 600 3.21 38.86 20.26
N LYS A 601 2.98 39.09 21.53
CA LYS A 601 2.30 38.11 22.39
C LYS A 601 0.80 38.33 22.29
N ASP A 602 0.39 39.58 22.17
CA ASP A 602 -1.02 39.91 21.98
C ASP A 602 -1.57 39.35 20.68
N VAL A 603 -0.69 38.85 19.81
CA VAL A 603 -1.12 38.08 18.64
C VAL A 603 -0.78 36.60 18.75
N PHE A 604 0.49 36.28 19.01
CA PHE A 604 0.88 34.86 19.00
C PHE A 604 0.80 34.14 20.35
N GLY A 605 0.54 34.85 21.45
CA GLY A 605 0.36 34.11 22.68
C GLY A 605 -0.62 32.94 22.57
N PRO A 606 -1.91 33.23 22.37
CA PRO A 606 -2.84 32.11 22.45
C PRO A 606 -2.39 30.90 21.65
N PRO A 607 -2.18 31.03 20.33
CA PRO A 607 -1.86 29.81 19.61
C PRO A 607 -0.62 29.10 20.12
N PHE A 608 0.41 29.84 20.54
CA PHE A 608 1.63 29.19 21.00
C PHE A 608 1.46 28.29 22.23
N GLN A 609 0.29 28.33 22.86
CA GLN A 609 0.16 27.77 24.21
C GLN A 609 0.32 26.26 24.22
N ASN A 610 -0.05 25.62 23.10
CA ASN A 610 -0.17 24.17 23.07
C ASN A 610 0.36 23.64 21.75
N LEU A 611 1.06 24.52 21.04
CA LEU A 611 1.54 24.21 19.70
C LEU A 611 2.53 23.06 19.75
N ASN A 612 2.36 22.10 18.87
CA ASN A 612 3.32 21.03 18.80
C ASN A 612 4.37 21.34 17.75
N SER A 613 4.00 22.16 16.78
CA SER A 613 4.84 22.38 15.59
C SER A 613 4.66 23.78 14.99
N LEU A 614 5.77 24.47 14.75
CA LEU A 614 5.73 25.81 14.20
C LEU A 614 6.69 25.99 13.04
N ASP A 615 6.21 26.65 12.00
CA ASP A 615 7.03 26.91 10.82
C ASP A 615 6.82 28.35 10.41
N MET A 616 7.87 29.14 10.60
CA MET A 616 7.73 30.58 10.45
C MET A 616 9.07 31.09 9.96
N ARG A 617 9.81 30.25 9.26
CA ARG A 617 11.11 30.69 8.80
C ARG A 617 10.97 31.43 7.48
N PHE A 618 12.08 32.00 7.01
CA PHE A 618 12.12 32.81 5.80
C PHE A 618 11.27 34.07 5.91
N ASN A 619 11.41 34.77 7.04
CA ASN A 619 10.70 36.01 7.29
C ASN A 619 11.64 37.13 7.75
N PRO A 620 11.43 38.36 7.23
CA PRO A 620 12.27 39.51 7.52
C PRO A 620 12.18 39.92 8.99
N PHE A 621 12.52 38.97 9.88
CA PHE A 621 12.49 39.27 11.30
C PHE A 621 13.27 40.55 11.57
N ASP A 622 12.65 41.51 12.28
CA ASP A 622 13.34 42.64 12.92
C ASP A 622 13.92 42.31 14.29
N CYS A 623 15.25 42.25 14.38
CA CYS A 623 15.96 42.07 15.65
C CYS A 623 15.93 43.30 16.55
N THR A 624 14.77 43.63 17.09
CA THR A 624 14.73 44.58 18.20
C THR A 624 13.82 44.10 19.34
N CYS A 625 14.20 44.44 20.56
CA CYS A 625 13.44 43.97 21.70
C CYS A 625 11.96 44.23 21.58
N GLU A 626 11.61 45.30 20.89
CA GLU A 626 10.21 45.63 20.62
C GLU A 626 9.55 44.60 19.69
N SER A 627 10.33 43.99 18.80
CA SER A 627 9.77 43.06 17.83
C SER A 627 9.98 41.60 18.19
N ILE A 628 11.06 41.25 18.88
CA ILE A 628 11.27 39.84 19.05
C ILE A 628 11.60 39.35 20.45
N SER A 629 11.80 40.25 21.41
CA SER A 629 12.18 39.83 22.77
C SER A 629 11.26 38.74 23.32
N TRP A 630 9.96 39.01 23.28
CA TRP A 630 9.01 38.05 23.77
C TRP A 630 9.21 36.79 22.95
N PHE A 631 9.29 36.95 21.63
CA PHE A 631 9.46 35.79 20.78
C PHE A 631 10.73 34.99 21.12
N VAL A 632 11.89 35.62 21.07
CA VAL A 632 13.13 34.93 21.37
C VAL A 632 13.16 34.25 22.73
N ASN A 633 12.53 34.85 23.73
CA ASN A 633 12.44 34.24 25.07
C ASN A 633 11.58 32.97 25.03
N TRP A 634 10.44 33.07 24.38
CA TRP A 634 9.51 31.97 24.26
C TRP A 634 10.19 30.78 23.57
N ILE A 635 10.96 31.07 22.54
CA ILE A 635 11.72 30.07 21.78
C ILE A 635 12.72 29.29 22.63
N ASN A 636 13.34 29.93 23.61
CA ASN A 636 14.26 29.26 24.52
C ASN A 636 13.62 28.30 25.54
N GLN A 637 12.36 28.54 25.89
CA GLN A 637 11.73 27.76 26.95
C GLN A 637 10.52 26.96 26.50
N THR A 638 10.33 26.79 25.20
CA THR A 638 9.15 26.05 24.77
C THR A 638 9.56 24.65 24.37
N HIS A 639 8.62 23.71 24.44
CA HIS A 639 8.88 22.35 23.98
C HIS A 639 8.43 22.16 22.53
N THR A 640 7.91 23.24 21.95
CA THR A 640 7.30 23.21 20.63
C THR A 640 8.36 22.74 19.65
N ASN A 641 7.91 22.08 18.60
CA ASN A 641 8.81 21.71 17.53
C ASN A 641 9.06 22.84 16.53
N ILE A 642 10.27 23.38 16.53
CA ILE A 642 10.75 24.34 15.52
C ILE A 642 11.91 23.72 14.75
N SER A 643 11.71 23.50 13.46
CA SER A 643 12.77 22.92 12.67
C SER A 643 13.66 23.97 12.00
N GLU A 644 14.89 23.57 11.67
CA GLU A 644 15.89 24.45 11.11
C GLU A 644 15.97 25.77 11.87
N LEU A 645 15.85 25.71 13.18
CA LEU A 645 15.90 26.95 13.94
C LEU A 645 17.21 27.68 13.73
N SER A 646 18.30 26.93 13.76
CA SER A 646 19.59 27.60 13.91
C SER A 646 20.03 28.25 12.61
N THR A 647 19.37 27.94 11.50
CA THR A 647 19.86 28.36 10.18
C THR A 647 18.84 29.05 9.28
N HIS A 648 17.55 28.81 9.47
CA HIS A 648 16.55 29.43 8.60
C HIS A 648 15.62 30.39 9.28
N TYR A 649 16.03 30.93 10.43
CA TYR A 649 15.34 32.02 11.10
C TYR A 649 16.38 33.11 11.30
N LEU A 650 16.50 33.98 10.30
CA LEU A 650 17.51 35.04 10.34
C LEU A 650 16.86 36.41 10.45
N CYS A 651 17.58 37.35 11.04
CA CYS A 651 17.19 38.76 11.07
C CYS A 651 17.47 39.55 9.80
N ASN A 652 16.57 40.48 9.49
CA ASN A 652 16.69 41.22 8.26
C ASN A 652 17.04 42.66 8.54
N THR A 653 16.42 43.25 9.57
CA THR A 653 16.85 44.55 10.07
C THR A 653 17.28 44.48 11.55
N PRO A 654 18.02 45.48 12.01
CA PRO A 654 18.61 46.55 11.22
C PRO A 654 19.93 46.12 10.58
N HIS A 655 20.54 47.04 9.83
CA HIS A 655 21.84 46.85 9.22
C HIS A 655 22.69 45.84 9.98
N HIS A 656 23.03 46.14 11.23
CA HIS A 656 24.01 45.36 11.98
C HIS A 656 23.51 43.97 12.25
N TYR A 657 22.28 43.66 11.81
CA TYR A 657 21.71 42.37 12.14
C TYR A 657 21.27 41.58 10.93
N TYR A 658 21.55 42.09 9.73
CA TYR A 658 21.27 41.37 8.50
C TYR A 658 21.91 39.97 8.49
N GLY A 659 21.10 38.93 8.61
CA GLY A 659 21.55 37.55 8.51
C GLY A 659 22.02 36.92 9.81
N PHE A 660 21.99 37.71 10.88
CA PHE A 660 22.23 37.18 12.20
C PHE A 660 21.05 36.31 12.59
N PRO A 661 21.32 35.08 13.06
CA PRO A 661 20.38 34.08 13.57
C PRO A 661 19.55 34.59 14.75
N LEU A 662 18.24 34.58 14.55
CA LEU A 662 17.28 35.08 15.54
C LEU A 662 17.54 34.55 16.94
N LYS A 663 17.66 33.24 17.06
CA LYS A 663 17.83 32.60 18.37
C LYS A 663 19.01 33.11 19.17
N LEU A 664 20.01 33.70 18.51
CA LEU A 664 21.20 34.21 19.18
C LEU A 664 21.04 35.66 19.67
N PHE A 665 19.85 36.21 19.54
CA PHE A 665 19.64 37.63 19.82
C PHE A 665 19.61 37.79 21.34
N ASP A 666 20.52 38.58 21.89
CA ASP A 666 20.58 38.79 23.34
C ASP A 666 19.36 39.59 23.79
N THR A 667 18.74 39.17 24.88
CA THR A 667 17.50 39.79 25.35
C THR A 667 17.67 40.34 26.77
N SER A 668 18.66 39.83 27.48
CA SER A 668 18.89 40.21 28.86
C SER A 668 18.76 41.71 28.99
N SER A 669 19.48 42.43 28.12
CA SER A 669 19.63 43.86 28.26
C SER A 669 18.45 44.62 27.65
N CYS A 670 17.27 44.44 28.27
CA CYS A 670 16.04 44.91 27.65
C CYS A 670 14.95 45.43 28.60
N LYS A 671 15.10 46.71 28.91
CA LYS A 671 14.11 47.51 29.63
C LYS A 671 14.95 48.65 30.19
C1 NAG B . -3.71 -18.24 0.49
C2 NAG B . -3.14 -18.24 1.91
C3 NAG B . -3.90 -17.33 2.87
C4 NAG B . -4.17 -15.98 2.22
C5 NAG B . -3.37 -15.86 0.91
C6 NAG B . -1.85 -15.85 1.13
C7 NAG B . -1.86 -20.08 2.88
C8 NAG B . -0.58 -19.40 2.44
N2 NAG B . -3.01 -19.59 2.44
O3 NAG B . -3.07 -17.11 3.98
O4 NAG B . -5.54 -15.81 1.91
O5 NAG B . -3.77 -16.89 0.02
O6 NAG B . -1.28 -14.60 0.79
O7 NAG B . -1.82 -21.06 3.62
C1 NDG B . -6.27 -14.83 2.70
C2 NDG B . -5.94 -13.35 2.41
C3 NDG B . -4.69 -12.97 3.22
C4 NDG B . -4.75 -13.39 4.69
C5 NDG B . -5.18 -14.85 4.84
C6 NDG B . -5.39 -15.20 6.32
C7 NDG B . -6.14 -11.95 0.32
C8 NDG B . -7.21 -11.99 -0.73
O5 NDG B . -6.35 -15.11 4.09
O3 NDG B . -4.43 -11.59 3.10
O4 NDG B . -3.54 -13.16 5.37
O6 NDG B . -5.09 -16.55 6.61
O7 NDG B . -5.50 -10.90 0.42
N2 NDG B . -5.84 -13.07 0.98
C1 NAG C . -13.20 -31.47 -0.43
C2 NAG C . -12.51 -32.67 0.20
C3 NAG C . -13.52 -33.62 0.84
C4 NAG C . -14.43 -32.89 1.83
C5 NAG C . -15.02 -31.65 1.16
C6 NAG C . -14.76 -30.34 1.88
C7 NAG C . -10.38 -33.39 -0.72
C8 NAG C . -9.68 -34.11 -1.84
N2 NAG C . -11.70 -33.35 -0.80
O3 NAG C . -12.89 -34.70 1.47
O4 NAG C . -15.49 -33.77 2.20
O5 NAG C . -14.59 -31.49 -0.18
O6 NAG C . -15.42 -30.36 3.12
O7 NAG C . -9.74 -32.88 0.20
C1 NAG C . -15.42 -34.27 3.55
C2 NAG C . -16.82 -34.72 3.96
C3 NAG C . -16.84 -35.12 5.43
C4 NAG C . -15.87 -36.28 5.58
C5 NAG C . -14.50 -35.82 5.10
C6 NAG C . -13.46 -36.94 5.26
C7 NAG C . -18.86 -34.15 2.86
C8 NAG C . -20.21 -33.62 3.29
N2 NAG C . -17.82 -33.74 3.59
O3 NAG C . -18.14 -35.53 5.78
O4 NAG C . -15.87 -36.88 6.87
O5 NAG C . -14.57 -35.39 3.75
O6 NAG C . -13.40 -37.75 4.11
O7 NAG C . -18.73 -34.99 1.94
C1 FUL C . -14.45 -30.67 4.15
C2 FUL C . -15.18 -30.76 5.49
O2 FUL C . -14.80 -31.93 6.17
C3 FUL C . -14.85 -29.54 6.34
O3 FUL C . -15.22 -28.37 5.65
C4 FUL C . -13.36 -29.53 6.64
O4 FUL C . -12.96 -28.28 7.14
C5 FUL C . -12.57 -29.95 5.39
C6 FUL C . -11.24 -29.23 5.23
O5 FUL C . -13.37 -29.77 4.23
C1 NAG D . -15.58 -20.61 -27.04
C2 NAG D . -14.90 -20.25 -28.36
C3 NAG D . -15.80 -19.44 -29.28
C4 NAG D . -17.14 -20.15 -29.44
C5 NAG D . -17.68 -20.13 -28.02
C6 NAG D . -19.14 -20.52 -27.94
C7 NAG D . -12.59 -19.80 -27.59
C8 NAG D . -12.03 -21.12 -28.04
N2 NAG D . -13.74 -19.40 -28.14
O3 NAG D . -15.20 -19.22 -30.54
O4 NAG D . -18.02 -19.43 -30.27
O5 NAG D . -16.91 -21.01 -27.24
O6 NAG D . -19.52 -20.45 -26.58
O7 NAG D . -12.00 -19.07 -26.80
C1 NAG D . -17.77 -19.73 -31.66
C2 NAG D . -17.61 -18.41 -32.42
C3 NAG D . -16.63 -18.51 -33.59
C4 NAG D . -16.74 -19.89 -34.23
C5 NAG D . -16.60 -21.04 -33.23
C6 NAG D . -15.31 -21.83 -33.43
C7 NAG D . -20.05 -18.21 -32.25
C8 NAG D . -21.16 -18.86 -33.02
N2 NAG D . -18.91 -17.98 -32.91
O3 NAG D . -15.30 -18.23 -33.17
O4 NAG D . -18.01 -19.95 -34.82
O5 NAG D . -16.67 -20.59 -31.90
O6 NAG D . -14.23 -20.93 -33.56
O7 NAG D . -20.23 -17.91 -31.06
C1 NAG E . -30.83 8.41 -22.68
C2 NAG E . -31.18 8.57 -24.16
C3 NAG E . -32.64 8.30 -24.47
C4 NAG E . -33.20 7.20 -23.58
C5 NAG E . -32.98 7.52 -22.09
C6 NAG E . -32.62 6.31 -21.25
C7 NAG E . -29.60 10.27 -24.84
C8 NAG E . -28.87 9.63 -25.98
N2 NAG E . -30.87 9.90 -24.66
O3 NAG E . -32.73 7.92 -25.82
O4 NAG E . -34.53 6.84 -23.90
O5 NAG E . -32.01 8.54 -21.91
O6 NAG E . -32.15 5.26 -22.07
O7 NAG E . -29.06 11.10 -24.12
C1 NDG E . -35.52 7.90 -23.81
C2 NDG E . -36.96 7.36 -23.90
C3 NDG E . -37.23 6.86 -25.32
C4 NDG E . -36.98 7.98 -26.32
C5 NDG E . -35.56 8.51 -26.12
C6 NDG E . -35.25 9.65 -27.09
C7 NDG E . -38.54 6.01 -22.62
C8 NDG E . -39.31 6.95 -21.74
O5 NDG E . -35.39 8.92 -24.79
O3 NDG E . -38.56 6.40 -25.44
O4 NDG E . -37.13 7.48 -27.63
O6 NDG E . -33.97 9.46 -27.65
O7 NDG E . -39.09 4.98 -23.03
N2 NDG E . -37.28 6.35 -22.91
C1 NAG F . -8.49 3.93 -8.12
C2 NAG F . -8.15 4.63 -6.79
C3 NAG F . -6.90 5.48 -6.78
C4 NAG F . -5.78 4.87 -7.60
C5 NAG F . -6.36 4.60 -8.99
C6 NAG F . -5.30 3.96 -9.87
C7 NAG F . -9.74 5.59 -5.26
C8 NAG F . -9.52 6.84 -4.49
N2 NAG F . -9.18 5.58 -6.45
O3 NAG F . -6.53 5.77 -5.44
O4 NAG F . -4.74 5.84 -7.73
O5 NAG F . -7.39 3.64 -8.95
O6 NAG F . -4.67 2.87 -9.22
O7 NAG F . -10.43 4.68 -4.82
C1 NDG F . -3.72 5.96 -6.72
C2 NDG F . -2.29 5.93 -7.27
C3 NDG F . -1.29 5.53 -6.20
C4 NDG F . -1.68 6.08 -4.83
C5 NDG F . -3.08 5.57 -4.46
C6 NDG F . -3.85 6.54 -3.57
C7 NDG F . -1.45 5.04 -9.42
C8 NDG F . -0.62 3.83 -9.76
O5 NDG F . -3.85 5.13 -5.58
O3 NDG F . 0.01 5.97 -6.56
O4 NDG F . -0.74 5.65 -3.85
O6 NDG F . -3.59 7.89 -3.91
O7 NDG F . -1.53 6.00 -10.19
N2 NDG F . -2.17 4.92 -8.30
C1 MAN F . 0.41 6.49 -3.62
C2 MAN F . 0.41 7.18 -2.26
C3 MAN F . 0.15 8.70 -2.33
C4 MAN F . -0.39 9.10 -3.71
C5 MAN F . 0.45 8.58 -4.87
C6 MAN F . 1.58 9.54 -5.25
O2 MAN F . 1.66 6.87 -1.69
O3 MAN F . 1.30 9.47 -2.00
O4 MAN F . -1.76 8.74 -3.85
O5 MAN F . 0.96 7.28 -4.66
O6 MAN F . 2.75 9.24 -4.51
C1 BMA F . 1.05 10.70 -1.26
C2 BMA F . 0.21 11.75 -1.98
C3 BMA F . 0.24 13.08 -1.23
C4 BMA F . -0.22 12.83 0.21
C5 BMA F . 0.57 11.70 0.86
C6 BMA F . 0.02 11.30 2.24
O2 BMA F . -1.14 11.32 -2.05
O3 BMA F . -0.54 14.07 -1.85
O4 BMA F . -0.15 14.04 0.92
O5 BMA F . 0.63 10.52 0.08
O6 BMA F . 0.30 12.30 3.19
C1 MAN F . 3.95 9.66 -5.20
C2 MAN F . 4.21 8.85 -6.47
C3 MAN F . 4.67 7.43 -6.10
C4 MAN F . 5.92 7.48 -5.22
C5 MAN F . 5.63 8.37 -4.01
C6 MAN F . 6.88 8.56 -3.15
O2 MAN F . 5.21 9.53 -7.21
O3 MAN F . 4.91 6.66 -7.25
O4 MAN F . 6.27 6.18 -4.80
O5 MAN F . 5.11 9.65 -4.38
O6 MAN F . 8.02 8.72 -3.97
C1 NAG G . -30.12 17.39 -18.87
C2 NAG G . -30.36 17.86 -20.30
C3 NAG G . -30.12 19.36 -20.45
C4 NAG G . -30.75 20.14 -19.31
C5 NAG G . -30.29 19.58 -17.96
C6 NAG G . -31.43 19.43 -16.95
C7 NAG G . -29.92 16.67 -22.36
C8 NAG G . -29.40 17.40 -23.57
N2 NAG G . -29.49 17.10 -21.18
O3 NAG G . -30.69 19.74 -21.68
O4 NAG G . -30.39 21.51 -19.31
O5 NAG G . -29.52 18.41 -18.10
O6 NAG G . -32.59 18.85 -17.51
O7 NAG G . -30.67 15.71 -22.50
C1 NDG G . -30.71 22.24 -20.52
C2 NDG G . -30.53 23.74 -20.33
C3 NDG G . -31.73 24.43 -19.69
C4 NDG G . -33.04 23.99 -20.34
C5 NDG G . -33.04 22.46 -20.31
C6 NDG G . -34.34 21.83 -20.79
C7 NDG G . -28.23 24.49 -20.15
C8 NDG G . -28.17 25.96 -20.44
O5 NDG G . -31.97 21.97 -21.10
O3 NDG G . -31.58 25.83 -19.84
O4 NDG G . -34.14 24.47 -19.61
O6 NDG G . -34.61 20.69 -20.00
O7 NDG G . -27.29 23.75 -20.44
N2 NDG G . -29.34 24.03 -19.56
C1 BMA G . -34.85 25.60 -20.18
C2 BMA G . -34.49 25.84 -21.64
C3 BMA G . -35.38 26.88 -22.30
C4 BMA G . -36.84 26.57 -22.01
C5 BMA G . -37.03 26.54 -20.51
C6 BMA G . -38.49 26.24 -20.18
O2 BMA G . -34.59 24.62 -22.36
O3 BMA G . -35.18 26.84 -23.70
O4 BMA G . -37.67 27.55 -22.61
O5 BMA G . -36.24 25.49 -19.99
O6 BMA G . -39.28 26.62 -21.30
C1 FUL G . -33.43 18.28 -16.49
C2 FUL G . -34.40 17.25 -17.08
O2 FUL G . -33.66 16.29 -17.79
C3 FUL G . -35.23 16.57 -15.99
O3 FUL G . -36.27 15.80 -16.55
C4 FUL G . -35.83 17.56 -15.00
O4 FUL G . -37.09 18.04 -15.42
C5 FUL G . -34.87 18.70 -14.64
C6 FUL G . -35.59 19.83 -13.92
O5 FUL G . -34.20 19.23 -15.77
C1 NAG H . -26.07 13.61 6.46
C2 NAG H . -27.22 12.83 5.81
C3 NAG H . -28.38 12.61 6.77
C4 NAG H . -27.80 11.93 7.99
C5 NAG H . -26.91 12.98 8.63
C6 NAG H . -26.38 12.51 9.99
C7 NAG H . -28.44 12.94 3.70
C8 NAG H . -27.86 11.75 2.99
N2 NAG H . -27.71 13.53 4.64
O3 NAG H . -29.30 11.75 6.13
O4 NAG H . -28.85 11.52 8.84
O5 NAG H . -25.82 13.30 7.81
O6 NAG H . -27.29 12.86 11.01
O7 NAG H . -29.53 13.40 3.36
C1 NAG H . -28.69 10.12 9.19
C2 NAG H . -29.10 9.81 10.62
C3 NAG H . -30.32 8.91 10.64
C4 NAG H . -31.26 9.32 9.51
C5 NAG H . -30.60 9.03 8.18
C6 NAG H . -31.17 9.89 7.06
C7 NAG H . -27.04 8.45 10.89
C8 NAG H . -25.69 9.07 10.64
N2 NAG H . -28.02 9.23 11.38
O3 NAG H . -31.00 9.03 11.86
O4 NAG H . -32.45 8.56 9.61
O5 NAG H . -29.19 9.16 8.27
O6 NAG H . -30.99 9.24 5.82
O7 NAG H . -27.18 7.25 10.68
C1 NAG I . 36.64 -17.31 22.27
C2 NAG I . 37.22 -16.52 21.09
C3 NAG I . 38.75 -16.57 21.03
C4 NAG I . 39.33 -16.20 22.39
C5 NAG I . 38.72 -17.11 23.45
C6 NAG I . 39.27 -16.75 24.83
C7 NAG I . 36.38 -16.22 18.83
C8 NAG I . 37.30 -16.31 17.64
N2 NAG I . 36.66 -17.02 19.85
O3 NAG I . 39.22 -15.66 20.07
O4 NAG I . 40.73 -16.37 22.37
O5 NAG I . 37.31 -16.95 23.45
O6 NAG I . 40.66 -16.88 24.85
O7 NAG I . 35.40 -15.45 18.80
C1 NAG J . 2.01 -39.99 12.58
C2 NAG J . 0.93 -41.06 12.73
C3 NAG J . 1.41 -42.29 13.49
C4 NAG J . 2.90 -42.52 13.26
C5 NAG J . 3.69 -41.30 13.71
C6 NAG J . 4.97 -41.15 12.90
C7 NAG J . -1.26 -41.41 13.68
C8 NAG J . -2.32 -41.65 12.63
N2 NAG J . -0.29 -40.56 13.36
O3 NAG J . 0.70 -43.43 13.07
O4 NAG J . 3.31 -43.67 13.97
O5 NAG J . 2.94 -40.11 13.64
O6 NAG J . 6.07 -41.42 13.74
O7 NAG J . -1.30 -42.04 14.73
C1 FUC K . -22.43 -22.45 -26.64
C2 FUC K . -22.85 -22.30 -25.17
C3 FUC K . -22.43 -20.96 -24.56
C4 FUC K . -22.83 -19.81 -25.50
C5 FUC K . -22.50 -20.10 -26.97
C6 FUC K . -23.11 -19.06 -27.89
O1 FUC K . -21.04 -22.61 -26.81
O2 FUC K . -22.39 -23.39 -24.40
O3 FUC K . -22.96 -20.76 -23.25
O4 FUC K . -24.20 -19.49 -25.35
O5 FUC K . -22.90 -21.37 -27.43
C1 NAG L . 18.32 31.05 26.17
C2 NAG L . 19.46 30.77 27.14
C3 NAG L . 19.11 31.32 28.52
C4 NAG L . 18.73 32.80 28.42
C5 NAG L . 17.67 32.99 27.33
C6 NAG L . 17.26 34.45 27.16
C7 NAG L . 20.12 28.66 26.14
C8 NAG L . 21.50 28.87 25.60
N2 NAG L . 19.78 29.37 27.21
O3 NAG L . 20.20 31.15 29.39
O4 NAG L . 18.26 33.23 29.67
O5 NAG L . 18.11 32.44 26.10
O6 NAG L . 15.93 34.49 26.63
O7 NAG L . 19.35 27.87 25.59
C1 NAG M . 9.41 18.68 18.45
C2 NAG M . 8.32 17.75 18.99
C3 NAG M . 8.38 17.69 20.51
C4 NAG M . 9.78 17.27 20.93
C5 NAG M . 10.79 18.27 20.41
C6 NAG M . 12.21 17.85 20.76
C7 NAG M . 5.94 17.32 18.47
C8 NAG M . 6.07 16.17 17.50
N2 NAG M . 6.98 18.14 18.58
O3 NAG M . 7.43 16.77 21.01
O4 NAG M . 9.83 17.19 22.34
O5 NAG M . 10.68 18.37 19.00
O6 NAG M . 12.70 18.58 21.87
O7 NAG M . 4.88 17.45 19.08
#